data_9EA1
#
_entry.id   9EA1
#
_cell.length_a   142.503
_cell.length_b   122.615
_cell.length_c   66.983
_cell.angle_alpha   90.00
_cell.angle_beta   94.53
_cell.angle_gamma   90.00
#
_symmetry.space_group_name_H-M   'C 1 2 1'
#
loop_
_entity.id
_entity.type
_entity.pdbx_description
1 polymer PrnB
2 non-polymer 'PROTOPORPHYRIN IX CONTAINING FE'
3 non-polymer 7-CHLOROTRYPTOPHAN
4 non-polymer 'CYANIDE ION'
5 non-polymer GLYCEROL
6 water water
#
_entity_poly.entity_id   1
_entity_poly.type   'polypeptide(L)'
_entity_poly.pdbx_seq_one_letter_code
;MGSSHHHHHHSSGENLYFQGMISNEISKLDPLNLDAFFNQLPSLNQNLEVSLLIDKLREITKSYLPTTFSINDALAATRD
LGMIMSSVRKLGIQPVSAVSDLEVFLETLSEITNMVPRETSYHYGPWNPIGERERRFTHFPDERGLIEGVRIAIPGIELA
IREINQLSNLSLNDPAFESLAKSAALHVYQAVDGIGETIKKTDPYVFSHELRPFFDPIRIGGKSYIGAGGGQIPLFVVDV
KLWLGNHSPNSEYVSFIKDSVFYLPPELRPICVDSLLEPSVINQKFAEFGSVEITDQVIKGMESLLSVIQVLLKFRKPHF
QLAQRTLSKENRGNYTTGSAGYTNSFNHMVLEFTIEVEKQIRAVLAPYRS
;
_entity_poly.pdbx_strand_id   A,B
#
# COMPACT_ATOMS: atom_id res chain seq x y z
N ILE A 22 -19.89 -17.94 26.12
CA ILE A 22 -20.03 -16.98 27.22
C ILE A 22 -18.92 -15.94 27.21
N SER A 23 -19.33 -14.67 27.10
CA SER A 23 -18.38 -13.57 26.93
C SER A 23 -17.47 -13.38 28.15
N ASN A 24 -18.05 -13.33 29.36
CA ASN A 24 -17.25 -13.08 30.56
C ASN A 24 -16.32 -14.25 30.89
N GLU A 25 -16.67 -15.49 30.52
CA GLU A 25 -15.74 -16.59 30.72
C GLU A 25 -14.54 -16.55 29.76
N ILE A 26 -14.67 -15.90 28.62
CA ILE A 26 -13.51 -15.69 27.75
C ILE A 26 -12.79 -14.40 28.10
N SER A 27 -13.53 -13.35 28.42
CA SER A 27 -12.90 -12.05 28.62
C SER A 27 -11.98 -12.07 29.83
N LYS A 28 -12.22 -12.93 30.82
CA LYS A 28 -11.39 -12.96 32.02
C LYS A 28 -10.12 -13.79 31.87
N LEU A 29 -9.90 -14.42 30.73
CA LEU A 29 -8.75 -15.27 30.56
C LEU A 29 -7.57 -14.48 29.98
N ASP A 30 -6.37 -14.93 30.31
CA ASP A 30 -5.14 -14.40 29.73
C ASP A 30 -4.20 -15.57 29.51
N PRO A 31 -4.55 -16.45 28.57
CA PRO A 31 -3.81 -17.72 28.43
C PRO A 31 -2.36 -17.56 28.00
N LEU A 32 -2.02 -16.48 27.30
CA LEU A 32 -0.64 -16.28 26.87
C LEU A 32 0.08 -15.27 27.74
N ASN A 33 -0.50 -14.93 28.90
CA ASN A 33 0.13 -14.06 29.88
C ASN A 33 0.56 -12.74 29.23
N LEU A 34 -0.37 -12.12 28.51
CA LEU A 34 -0.12 -10.92 27.74
C LEU A 34 -0.70 -9.68 28.40
N ASP A 35 -1.13 -9.77 29.65
CA ASP A 35 -1.80 -8.63 30.26
C ASP A 35 -0.87 -7.43 30.35
N ALA A 36 0.39 -7.64 30.79
CA ALA A 36 1.34 -6.54 30.86
C ALA A 36 1.69 -6.01 29.47
N PHE A 37 1.97 -6.92 28.54
CA PHE A 37 2.23 -6.56 27.15
C PHE A 37 1.14 -5.68 26.56
N PHE A 38 -0.13 -6.00 26.83
CA PHE A 38 -1.18 -5.18 26.24
C PHE A 38 -1.31 -3.81 26.90
N ASN A 39 -0.77 -3.61 28.10
CA ASN A 39 -0.67 -2.26 28.63
C ASN A 39 0.38 -1.45 27.89
N GLN A 40 1.41 -2.11 27.33
CA GLN A 40 2.46 -1.45 26.54
C GLN A 40 2.11 -1.32 25.06
N LEU A 41 1.20 -2.14 24.54
CA LEU A 41 0.96 -2.21 23.11
C LEU A 41 0.65 -0.86 22.47
N PRO A 42 -0.21 -0.01 23.04
CA PRO A 42 -0.47 1.30 22.38
C PRO A 42 0.80 2.13 22.18
N SER A 43 1.74 2.07 23.12
CA SER A 43 3.00 2.79 22.98
C SER A 43 3.91 2.12 21.95
N LEU A 44 4.03 0.78 22.01
CA LEU A 44 4.71 0.02 20.96
C LEU A 44 4.16 0.38 19.59
N ASN A 45 2.85 0.45 19.45
CA ASN A 45 2.32 0.77 18.14
C ASN A 45 2.67 2.20 17.75
N GLN A 46 2.60 3.13 18.71
CA GLN A 46 2.85 4.54 18.41
C GLN A 46 4.29 4.76 17.96
N ASN A 47 5.25 4.07 18.56
CA ASN A 47 6.65 4.25 18.20
C ASN A 47 7.12 3.27 17.14
N LEU A 48 6.21 2.54 16.50
CA LEU A 48 6.55 1.59 15.41
C LEU A 48 7.58 0.56 15.85
N GLU A 49 7.49 0.06 17.08
CA GLU A 49 8.47 -0.90 17.56
C GLU A 49 8.16 -2.31 17.04
N VAL A 50 8.31 -2.46 15.72
CA VAL A 50 8.01 -3.75 15.07
C VAL A 50 8.82 -4.92 15.64
N SER A 51 10.06 -4.69 16.07
CA SER A 51 10.87 -5.82 16.57
C SER A 51 10.25 -6.40 17.83
N LEU A 52 9.72 -5.54 18.69
CA LEU A 52 9.10 -6.01 19.91
C LEU A 52 7.82 -6.79 19.61
N LEU A 53 7.07 -6.36 18.60
CA LEU A 53 5.89 -7.13 18.17
C LEU A 53 6.30 -8.52 17.69
N ILE A 54 7.32 -8.58 16.83
CA ILE A 54 7.74 -9.82 16.21
C ILE A 54 8.43 -10.72 17.23
N ASP A 55 9.20 -10.13 18.15
CA ASP A 55 9.76 -10.93 19.25
C ASP A 55 8.67 -11.63 20.06
N LYS A 56 7.54 -10.95 20.27
CA LYS A 56 6.47 -11.50 21.09
C LYS A 56 5.76 -12.65 20.39
N LEU A 57 5.49 -12.51 19.08
CA LEU A 57 4.96 -13.62 18.31
C LEU A 57 5.92 -14.81 18.36
N ARG A 58 7.23 -14.55 18.28
CA ARG A 58 8.18 -15.66 18.32
C ARG A 58 8.19 -16.31 19.71
N GLU A 59 8.17 -15.49 20.77
CA GLU A 59 8.13 -16.02 22.13
C GLU A 59 6.90 -16.89 22.35
N ILE A 60 5.76 -16.51 21.77
CA ILE A 60 4.52 -17.25 21.98
C ILE A 60 4.62 -18.65 21.35
N THR A 61 5.14 -18.74 20.12
CA THR A 61 5.22 -20.04 19.48
C THR A 61 6.18 -20.99 20.20
N LYS A 62 7.13 -20.47 20.99
CA LYS A 62 8.02 -21.35 21.75
C LYS A 62 7.60 -21.55 23.19
N SER A 63 6.73 -20.71 23.71
CA SER A 63 6.39 -20.77 25.11
C SER A 63 5.14 -21.60 25.38
N TYR A 64 4.30 -21.81 24.36
CA TYR A 64 2.97 -22.37 24.58
C TYR A 64 2.71 -23.53 23.64
N LEU A 65 2.04 -24.54 24.18
CA LEU A 65 1.60 -25.70 23.45
C LEU A 65 0.10 -25.55 23.27
N PRO A 66 -0.35 -24.91 22.19
CA PRO A 66 -1.78 -24.59 22.07
C PRO A 66 -2.67 -25.83 22.10
N THR A 67 -2.12 -26.99 21.70
CA THR A 67 -2.89 -28.21 21.70
C THR A 67 -3.45 -28.53 23.08
N THR A 68 -2.83 -28.03 24.15
CA THR A 68 -3.32 -28.27 25.49
C THR A 68 -4.39 -27.26 25.92
N PHE A 69 -4.87 -26.41 25.01
CA PHE A 69 -5.84 -25.39 25.41
C PHE A 69 -7.26 -25.96 25.40
N SER A 70 -8.06 -25.50 26.36
CA SER A 70 -9.50 -25.63 26.30
C SER A 70 -10.06 -24.70 25.22
N ILE A 71 -11.36 -24.84 24.95
CA ILE A 71 -11.99 -23.99 23.95
C ILE A 71 -11.90 -22.51 24.38
N ASN A 72 -12.30 -22.19 25.61
CA ASN A 72 -12.29 -20.78 26.00
C ASN A 72 -10.89 -20.20 25.95
N ASP A 73 -9.90 -21.00 26.35
CA ASP A 73 -8.50 -20.61 26.24
C ASP A 73 -8.14 -20.32 24.80
N ALA A 74 -8.54 -21.19 23.88
CA ALA A 74 -8.22 -20.96 22.47
C ALA A 74 -8.93 -19.72 21.94
N LEU A 75 -10.16 -19.48 22.39
CA LEU A 75 -10.85 -18.27 21.92
C LEU A 75 -10.14 -17.00 22.41
N ALA A 76 -9.72 -16.99 23.67
CA ALA A 76 -9.04 -15.83 24.22
C ALA A 76 -7.65 -15.67 23.58
N ALA A 77 -6.99 -16.79 23.29
CA ALA A 77 -5.70 -16.73 22.62
C ALA A 77 -5.83 -16.23 21.18
N THR A 78 -6.90 -16.62 20.48
CA THR A 78 -7.14 -16.03 19.17
C THR A 78 -7.32 -14.52 19.30
N ARG A 79 -8.02 -14.07 20.35
CA ARG A 79 -8.19 -12.65 20.57
C ARG A 79 -6.85 -11.95 20.72
N ASP A 80 -6.01 -12.45 21.62
CA ASP A 80 -4.78 -11.76 21.96
C ASP A 80 -3.74 -11.90 20.85
N LEU A 81 -3.55 -13.12 20.36
CA LEU A 81 -2.60 -13.32 19.28
C LEU A 81 -3.05 -12.57 18.02
N GLY A 82 -4.35 -12.57 17.74
CA GLY A 82 -4.84 -11.86 16.57
C GLY A 82 -4.53 -10.36 16.61
N MET A 83 -4.69 -9.75 17.78
CA MET A 83 -4.42 -8.33 17.82
C MET A 83 -2.94 -8.01 17.66
N ILE A 84 -2.03 -8.85 18.15
CA ILE A 84 -0.62 -8.56 17.89
C ILE A 84 -0.30 -8.72 16.40
N MET A 85 -0.82 -9.77 15.79
CA MET A 85 -0.65 -9.99 14.36
C MET A 85 -1.18 -8.81 13.57
N SER A 86 -2.33 -8.25 13.98
CA SER A 86 -2.87 -7.08 13.26
C SER A 86 -1.95 -5.86 13.40
N SER A 87 -1.29 -5.71 14.56
CA SER A 87 -0.37 -4.61 14.73
C SER A 87 0.82 -4.75 13.78
N VAL A 88 1.30 -5.98 13.60
CA VAL A 88 2.38 -6.20 12.66
C VAL A 88 1.91 -5.95 11.24
N ARG A 89 0.75 -6.48 10.89
CA ARG A 89 0.21 -6.24 9.56
C ARG A 89 -0.05 -4.76 9.34
N LYS A 90 -0.34 -4.00 10.41
CA LYS A 90 -0.60 -2.58 10.25
C LYS A 90 0.60 -1.87 9.63
N LEU A 91 1.82 -2.27 10.00
CA LEU A 91 3.03 -1.72 9.44
C LEU A 91 3.25 -2.11 7.98
N GLY A 92 2.57 -3.15 7.49
CA GLY A 92 2.73 -3.61 6.13
C GLY A 92 3.37 -4.96 5.99
N ILE A 93 3.76 -5.60 7.10
CA ILE A 93 4.40 -6.91 7.07
C ILE A 93 3.34 -7.99 7.26
N GLN A 94 3.32 -8.96 6.38
CA GLN A 94 2.53 -10.17 6.64
C GLN A 94 3.09 -10.95 7.83
N PRO A 95 2.39 -11.03 8.96
CA PRO A 95 3.06 -11.53 10.19
C PRO A 95 3.42 -13.02 10.13
N VAL A 96 2.57 -13.86 9.53
CA VAL A 96 2.89 -15.28 9.44
C VAL A 96 4.03 -15.53 8.47
N SER A 97 4.16 -14.70 7.43
CA SER A 97 5.37 -14.77 6.59
C SER A 97 6.64 -14.47 7.39
N ALA A 98 6.57 -13.50 8.30
CA ALA A 98 7.77 -13.12 9.05
C ALA A 98 8.06 -14.08 10.19
N VAL A 99 7.03 -14.74 10.74
CA VAL A 99 7.19 -15.66 11.86
C VAL A 99 6.55 -16.98 11.43
N SER A 100 7.27 -17.79 10.68
CA SER A 100 6.59 -18.84 9.95
C SER A 100 6.00 -19.93 10.84
N ASP A 101 6.53 -20.14 12.05
CA ASP A 101 5.93 -21.06 13.03
C ASP A 101 4.56 -20.64 13.52
N LEU A 102 4.12 -19.41 13.22
CA LEU A 102 2.75 -19.02 13.56
C LEU A 102 1.74 -19.91 12.86
N GLU A 103 2.06 -20.36 11.65
CA GLU A 103 1.06 -21.05 10.84
C GLU A 103 0.58 -22.31 11.54
N VAL A 104 1.51 -23.08 12.09
CA VAL A 104 1.16 -24.30 12.81
C VAL A 104 0.38 -23.96 14.08
N PHE A 105 0.90 -23.02 14.88
CA PHE A 105 0.21 -22.47 16.04
C PHE A 105 -1.22 -22.04 15.71
N LEU A 106 -1.38 -21.29 14.61
CA LEU A 106 -2.73 -20.82 14.28
C LEU A 106 -3.63 -21.97 13.85
N GLU A 107 -3.08 -22.95 13.13
CA GLU A 107 -3.83 -24.13 12.75
C GLU A 107 -4.33 -24.89 13.97
N THR A 108 -3.49 -25.06 15.00
CA THR A 108 -3.93 -25.78 16.20
C THR A 108 -5.01 -25.01 16.95
N LEU A 109 -4.90 -23.69 17.05
CA LEU A 109 -5.96 -22.92 17.70
C LEU A 109 -7.27 -22.99 16.92
N SER A 110 -7.16 -22.94 15.60
CA SER A 110 -8.34 -22.92 14.77
C SER A 110 -9.10 -24.24 14.85
N GLU A 111 -8.38 -25.34 15.09
CA GLU A 111 -9.05 -26.64 15.23
C GLU A 111 -9.88 -26.71 16.50
N ILE A 112 -9.41 -26.10 17.57
CA ILE A 112 -10.11 -26.11 18.86
C ILE A 112 -11.28 -25.14 18.86
N THR A 113 -11.10 -23.92 18.32
CA THR A 113 -12.20 -22.99 18.28
C THR A 113 -13.20 -23.33 17.17
N ASN A 114 -12.79 -24.13 16.18
CA ASN A 114 -13.56 -24.33 14.97
C ASN A 114 -13.97 -22.96 14.39
N MET A 115 -13.06 -21.98 14.49
CA MET A 115 -13.24 -20.62 13.99
C MET A 115 -12.00 -20.25 13.16
N VAL A 116 -12.08 -19.15 12.43
CA VAL A 116 -10.96 -18.67 11.60
C VAL A 116 -9.77 -18.40 12.50
N PRO A 117 -8.50 -18.56 11.99
CA PRO A 117 -7.31 -18.22 12.81
C PRO A 117 -7.02 -16.72 12.95
N ARG A 118 -8.05 -15.92 13.23
CA ARG A 118 -7.92 -14.47 13.26
C ARG A 118 -8.97 -13.93 14.22
N GLU A 119 -8.75 -12.73 14.75
CA GLU A 119 -9.76 -12.14 15.62
C GLU A 119 -10.87 -11.48 14.81
N THR A 120 -12.08 -11.54 15.36
CA THR A 120 -13.23 -10.85 14.79
C THR A 120 -13.76 -9.83 15.80
N SER A 121 -14.83 -9.15 15.43
CA SER A 121 -15.53 -8.28 16.36
C SER A 121 -15.94 -8.99 17.64
N TYR A 122 -16.14 -10.32 17.61
CA TYR A 122 -16.43 -11.02 18.87
C TYR A 122 -15.28 -10.88 19.85
N HIS A 123 -14.05 -11.17 19.38
CA HIS A 123 -12.90 -11.12 20.27
C HIS A 123 -12.62 -9.70 20.73
N TYR A 124 -12.94 -8.72 19.90
CA TYR A 124 -12.66 -7.32 20.12
C TYR A 124 -13.72 -6.62 20.96
N GLY A 125 -14.96 -7.09 20.95
CA GLY A 125 -16.03 -6.49 21.70
C GLY A 125 -16.41 -7.30 22.93
N PRO A 126 -17.39 -8.21 22.78
CA PRO A 126 -17.91 -8.94 23.95
C PRO A 126 -16.89 -9.80 24.66
N TRP A 127 -15.92 -10.36 23.95
CA TRP A 127 -14.89 -11.20 24.57
C TRP A 127 -13.68 -10.42 25.03
N ASN A 128 -13.69 -9.10 24.84
CA ASN A 128 -12.59 -8.22 25.22
C ASN A 128 -12.90 -7.67 26.61
N PRO A 129 -12.02 -7.88 27.61
CA PRO A 129 -12.39 -7.52 28.99
C PRO A 129 -12.64 -6.02 29.17
N ILE A 130 -13.53 -5.73 30.09
CA ILE A 130 -13.89 -4.36 30.42
C ILE A 130 -12.88 -3.81 31.43
N GLY A 131 -12.45 -2.57 31.24
CA GLY A 131 -11.68 -1.87 32.26
C GLY A 131 -10.18 -1.92 32.00
N GLU A 132 -9.42 -2.28 33.04
CA GLU A 132 -7.97 -2.15 32.97
C GLU A 132 -7.33 -3.17 32.02
N ARG A 133 -7.96 -4.32 31.81
CA ARG A 133 -7.35 -5.33 30.98
C ARG A 133 -7.73 -5.20 29.51
N GLU A 134 -8.69 -4.33 29.18
CA GLU A 134 -9.18 -4.16 27.82
C GLU A 134 -8.04 -4.04 26.82
N ARG A 135 -8.07 -4.91 25.81
CA ARG A 135 -7.03 -4.93 24.78
C ARG A 135 -7.36 -3.88 23.72
N ARG A 136 -6.40 -3.01 23.44
CA ARG A 136 -6.58 -1.94 22.48
C ARG A 136 -5.35 -1.77 21.63
N PHE A 137 -5.56 -1.36 20.37
CA PHE A 137 -4.49 -1.10 19.44
C PHE A 137 -3.76 0.22 19.77
N THR A 138 -4.49 1.24 20.20
CA THR A 138 -3.96 2.59 20.29
C THR A 138 -4.32 3.24 21.61
N HIS A 139 -3.70 4.41 21.85
CA HIS A 139 -4.04 5.27 22.98
C HIS A 139 -5.21 6.20 22.69
N PHE A 140 -5.67 6.27 21.44
CA PHE A 140 -6.71 7.22 21.07
C PHE A 140 -8.03 6.85 21.72
N PRO A 141 -8.69 7.78 22.42
CA PRO A 141 -10.00 7.47 23.01
C PRO A 141 -11.05 7.11 21.98
N ASP A 142 -10.91 7.57 20.73
CA ASP A 142 -11.85 7.20 19.67
C ASP A 142 -11.94 5.69 19.45
N GLU A 143 -10.88 4.94 19.78
CA GLU A 143 -10.93 3.50 19.62
C GLU A 143 -11.97 2.88 20.52
N ARG A 144 -12.21 3.49 21.68
CA ARG A 144 -13.28 2.99 22.55
C ARG A 144 -14.63 2.98 21.84
N GLY A 145 -14.86 3.91 20.92
CA GLY A 145 -16.14 3.93 20.23
C GLY A 145 -16.42 2.65 19.46
N LEU A 146 -15.37 2.06 18.86
CA LEU A 146 -15.54 0.82 18.11
C LEU A 146 -15.79 -0.35 19.05
N ILE A 147 -14.98 -0.46 20.10
CA ILE A 147 -15.06 -1.59 21.01
C ILE A 147 -16.43 -1.61 21.70
N GLU A 148 -16.79 -0.49 22.33
CA GLU A 148 -18.08 -0.43 23.01
C GLU A 148 -19.22 -0.66 22.03
N GLY A 149 -19.12 -0.13 20.81
CA GLY A 149 -20.17 -0.36 19.82
C GLY A 149 -20.50 -1.84 19.63
N VAL A 150 -19.47 -2.66 19.40
CA VAL A 150 -19.75 -4.07 19.11
C VAL A 150 -19.94 -4.83 20.41
N ARG A 151 -19.33 -4.37 21.50
CA ARG A 151 -19.53 -5.02 22.80
C ARG A 151 -20.99 -4.92 23.24
N ILE A 152 -21.65 -3.83 22.90
CA ILE A 152 -23.06 -3.67 23.22
C ILE A 152 -23.93 -4.36 22.17
N ALA A 153 -23.63 -4.20 20.90
CA ALA A 153 -24.53 -4.70 19.87
C ALA A 153 -24.67 -6.22 19.93
N ILE A 154 -23.56 -6.94 20.12
CA ILE A 154 -23.53 -8.35 19.76
C ILE A 154 -24.43 -9.15 20.69
N PRO A 155 -24.35 -9.04 22.02
CA PRO A 155 -25.26 -9.86 22.86
C PRO A 155 -26.73 -9.60 22.58
N GLY A 156 -27.12 -8.35 22.35
CA GLY A 156 -28.52 -8.06 22.05
C GLY A 156 -28.99 -8.63 20.72
N ILE A 157 -28.15 -8.57 19.69
CA ILE A 157 -28.53 -9.16 18.41
C ILE A 157 -28.66 -10.68 18.54
N GLU A 158 -27.82 -11.28 19.36
CA GLU A 158 -27.85 -12.72 19.56
C GLU A 158 -29.14 -13.15 20.26
N LEU A 159 -29.60 -12.35 21.21
CA LEU A 159 -30.90 -12.64 21.82
C LEU A 159 -32.03 -12.43 20.82
N ALA A 160 -31.95 -11.38 19.99
CA ALA A 160 -33.01 -11.20 18.99
C ALA A 160 -33.05 -12.34 17.99
N ILE A 161 -31.89 -12.95 17.68
CA ILE A 161 -31.87 -14.04 16.70
C ILE A 161 -32.70 -15.21 17.17
N ARG A 162 -32.58 -15.56 18.45
CA ARG A 162 -33.32 -16.70 18.99
C ARG A 162 -34.82 -16.42 19.04
N GLU A 163 -35.21 -15.20 19.39
CA GLU A 163 -36.63 -14.85 19.40
C GLU A 163 -37.19 -14.80 17.98
N ILE A 164 -36.43 -14.29 17.02
CA ILE A 164 -36.97 -14.17 15.68
C ILE A 164 -37.13 -15.55 15.03
N ASN A 165 -36.27 -16.50 15.40
CA ASN A 165 -36.39 -17.87 14.89
C ASN A 165 -37.62 -18.60 15.45
N GLN A 166 -38.08 -18.23 16.65
CA GLN A 166 -39.31 -18.80 17.17
C GLN A 166 -40.56 -18.26 16.47
N LEU A 167 -40.44 -17.22 15.64
CA LEU A 167 -41.63 -16.60 15.08
C LEU A 167 -42.23 -17.46 13.98
N SER A 168 -41.39 -18.16 13.22
CA SER A 168 -41.87 -18.96 12.10
C SER A 168 -42.98 -19.93 12.54
N ASN A 169 -42.96 -20.38 13.78
CA ASN A 169 -43.87 -21.45 14.19
C ASN A 169 -45.05 -20.97 15.02
N LEU A 170 -45.20 -19.66 15.22
CA LEU A 170 -46.37 -19.12 15.91
C LEU A 170 -47.29 -18.43 14.91
N SER A 171 -48.54 -18.26 15.35
CA SER A 171 -49.56 -17.61 14.55
C SER A 171 -49.57 -16.11 14.83
N LEU A 172 -49.77 -15.32 13.77
CA LEU A 172 -50.00 -13.89 13.93
C LEU A 172 -51.12 -13.61 14.92
N ASN A 173 -52.12 -14.49 14.99
CA ASN A 173 -53.24 -14.37 15.94
C ASN A 173 -52.86 -14.80 17.36
N ASP A 174 -51.76 -15.52 17.52
CA ASP A 174 -51.25 -15.85 18.85
C ASP A 174 -50.62 -14.60 19.45
N PRO A 175 -51.04 -14.15 20.63
CA PRO A 175 -50.36 -12.99 21.25
C PRO A 175 -48.90 -13.24 21.60
N ALA A 176 -48.48 -14.51 21.72
CA ALA A 176 -47.07 -14.83 21.97
C ALA A 176 -46.18 -14.37 20.82
N PHE A 177 -46.71 -14.37 19.59
CA PHE A 177 -45.98 -13.84 18.44
C PHE A 177 -45.61 -12.39 18.66
N GLU A 178 -46.62 -11.55 18.94
CA GLU A 178 -46.36 -10.13 19.16
C GLU A 178 -45.36 -9.92 20.28
N SER A 179 -45.53 -10.64 21.38
CA SER A 179 -44.62 -10.50 22.50
C SER A 179 -43.17 -10.84 22.12
N LEU A 180 -42.97 -11.90 21.33
CA LEU A 180 -41.60 -12.26 20.90
C LEU A 180 -41.00 -11.21 19.99
N ALA A 181 -41.77 -10.76 19.00
CA ALA A 181 -41.29 -9.76 18.07
C ALA A 181 -40.94 -8.46 18.79
N LYS A 182 -41.74 -8.08 19.79
CA LYS A 182 -41.42 -6.91 20.63
C LYS A 182 -40.14 -7.13 21.41
N SER A 183 -39.99 -8.31 22.01
CA SER A 183 -38.76 -8.62 22.72
C SER A 183 -37.53 -8.51 21.80
N ALA A 184 -37.67 -8.90 20.53
CA ALA A 184 -36.53 -8.83 19.63
C ALA A 184 -36.24 -7.40 19.18
N ALA A 185 -37.27 -6.58 18.93
CA ALA A 185 -37.04 -5.16 18.66
C ALA A 185 -36.29 -4.50 19.83
N LEU A 186 -36.71 -4.79 21.05
CA LEU A 186 -35.99 -4.29 22.22
C LEU A 186 -34.53 -4.71 22.18
N HIS A 187 -34.28 -5.99 21.90
CA HIS A 187 -32.91 -6.51 21.87
C HIS A 187 -32.10 -5.93 20.71
N VAL A 188 -32.73 -5.70 19.56
CA VAL A 188 -32.02 -5.07 18.45
C VAL A 188 -31.64 -3.63 18.79
N TYR A 189 -32.42 -2.96 19.67
CA TYR A 189 -32.07 -1.59 20.06
C TYR A 189 -30.67 -1.52 20.64
N GLN A 190 -30.19 -2.64 21.21
CA GLN A 190 -28.82 -2.65 21.72
C GLN A 190 -27.80 -2.30 20.63
N ALA A 191 -28.08 -2.70 19.37
CA ALA A 191 -27.24 -2.28 18.26
C ALA A 191 -27.38 -0.77 18.01
N VAL A 192 -28.61 -0.24 18.13
CA VAL A 192 -28.81 1.20 18.03
C VAL A 192 -28.00 1.92 19.10
N ASP A 193 -28.09 1.44 20.35
CA ASP A 193 -27.33 2.10 21.39
C ASP A 193 -25.83 1.99 21.12
N GLY A 194 -25.38 0.88 20.52
CA GLY A 194 -23.97 0.70 20.28
C GLY A 194 -23.41 1.59 19.18
N ILE A 195 -24.16 1.80 18.08
CA ILE A 195 -23.69 2.71 17.06
C ILE A 195 -23.81 4.16 17.53
N GLY A 196 -24.80 4.45 18.38
CA GLY A 196 -24.85 5.74 19.01
C GLY A 196 -23.63 6.02 19.88
N GLU A 197 -23.12 4.99 20.58
CA GLU A 197 -21.89 5.20 21.34
C GLU A 197 -20.70 5.45 20.44
N THR A 198 -20.67 4.80 19.27
CA THR A 198 -19.55 5.04 18.37
C THR A 198 -19.60 6.47 17.85
N ILE A 199 -20.79 6.95 17.52
CA ILE A 199 -20.95 8.29 16.98
C ILE A 199 -20.48 9.34 17.98
N LYS A 200 -20.75 9.11 19.27
CA LYS A 200 -20.27 10.04 20.30
C LYS A 200 -18.76 9.98 20.49
N LYS A 201 -18.12 8.82 20.29
CA LYS A 201 -16.76 8.67 20.77
C LYS A 201 -15.70 8.63 19.67
N THR A 202 -16.08 8.40 18.42
CA THR A 202 -15.11 8.10 17.38
C THR A 202 -15.17 9.20 16.33
N ASP A 203 -14.10 9.98 16.25
CA ASP A 203 -13.99 11.01 15.23
C ASP A 203 -13.71 10.35 13.89
N PRO A 204 -14.48 10.66 12.85
CA PRO A 204 -14.26 10.03 11.55
C PRO A 204 -12.83 10.16 11.05
N TYR A 205 -12.24 11.36 11.21
CA TYR A 205 -10.89 11.60 10.74
C TYR A 205 -9.89 10.73 11.48
N VAL A 206 -9.97 10.70 12.82
CA VAL A 206 -9.08 9.84 13.60
C VAL A 206 -9.28 8.36 13.22
N PHE A 207 -10.52 7.95 12.93
CA PHE A 207 -10.71 6.57 12.53
C PHE A 207 -9.92 6.25 11.27
N SER A 208 -10.11 7.03 10.20
CA SER A 208 -9.49 6.71 8.93
C SER A 208 -7.97 6.80 9.04
N HIS A 209 -7.46 7.70 9.87
CA HIS A 209 -6.02 7.91 9.87
C HIS A 209 -5.29 7.07 10.92
N GLU A 210 -5.95 6.74 12.01
CA GLU A 210 -5.27 6.06 13.10
C GLU A 210 -5.76 4.64 13.38
N LEU A 211 -7.03 4.30 13.07
CA LEU A 211 -7.59 3.02 13.51
C LEU A 211 -7.79 2.03 12.37
N ARG A 212 -8.40 2.45 11.29
CA ARG A 212 -8.63 1.67 10.07
C ARG A 212 -7.44 0.78 9.68
N PRO A 213 -6.19 1.26 9.71
CA PRO A 213 -5.07 0.40 9.31
C PRO A 213 -4.87 -0.82 10.17
N PHE A 214 -5.46 -0.88 11.36
CA PHE A 214 -5.31 -2.07 12.18
C PHE A 214 -6.25 -3.20 11.75
N PHE A 215 -7.06 -3.01 10.71
CA PHE A 215 -8.07 -3.99 10.35
C PHE A 215 -7.93 -4.49 8.92
N ASP A 216 -6.72 -4.82 8.50
CA ASP A 216 -6.37 -5.21 7.14
C ASP A 216 -6.22 -6.72 7.03
N PRO A 217 -6.29 -7.28 5.81
CA PRO A 217 -6.27 -8.74 5.67
C PRO A 217 -4.91 -9.35 5.99
N ILE A 218 -4.95 -10.59 6.45
CA ILE A 218 -3.77 -11.32 6.87
C ILE A 218 -3.76 -12.69 6.21
N ARG A 219 -2.61 -13.10 5.70
CA ARG A 219 -2.47 -14.35 4.95
C ARG A 219 -1.99 -15.46 5.88
N ILE A 220 -2.82 -16.50 6.02
CA ILE A 220 -2.59 -17.61 6.95
C ILE A 220 -2.86 -18.91 6.20
N GLY A 221 -1.82 -19.71 6.00
CA GLY A 221 -1.97 -20.97 5.31
C GLY A 221 -2.54 -20.86 3.91
N GLY A 222 -2.12 -19.86 3.15
CA GLY A 222 -2.53 -19.74 1.77
C GLY A 222 -3.84 -19.03 1.53
N LYS A 223 -4.60 -18.71 2.58
CA LYS A 223 -5.83 -17.93 2.47
C LYS A 223 -5.64 -16.59 3.17
N SER A 224 -6.37 -15.60 2.69
CA SER A 224 -6.40 -14.27 3.27
C SER A 224 -7.66 -14.12 4.12
N TYR A 225 -7.49 -13.73 5.39
CA TYR A 225 -8.59 -13.51 6.34
C TYR A 225 -8.72 -12.03 6.64
N ILE A 226 -9.90 -11.46 6.39
CA ILE A 226 -10.08 -10.04 6.62
C ILE A 226 -9.96 -9.71 8.10
N GLY A 227 -9.77 -8.40 8.40
CA GLY A 227 -9.66 -7.95 9.77
C GLY A 227 -11.03 -7.76 10.38
N ALA A 228 -11.05 -7.47 11.68
CA ALA A 228 -12.33 -7.38 12.38
C ALA A 228 -13.14 -6.20 11.88
N GLY A 229 -14.45 -6.34 11.97
CA GLY A 229 -15.37 -5.33 11.48
C GLY A 229 -16.66 -5.47 12.27
N GLY A 230 -17.31 -4.34 12.52
CA GLY A 230 -18.66 -4.44 13.13
C GLY A 230 -19.68 -5.11 12.24
N GLY A 231 -19.39 -5.25 10.94
CA GLY A 231 -20.18 -6.04 10.02
C GLY A 231 -20.20 -7.50 10.38
N GLN A 232 -19.30 -7.92 11.26
CA GLN A 232 -19.26 -9.26 11.81
C GLN A 232 -20.19 -9.44 13.00
N ILE A 233 -20.79 -8.37 13.55
CA ILE A 233 -21.91 -8.59 14.47
C ILE A 233 -22.95 -9.31 13.62
N PRO A 234 -23.71 -10.23 14.22
CA PRO A 234 -24.58 -11.11 13.41
C PRO A 234 -25.89 -10.46 13.01
N LEU A 235 -25.88 -9.15 12.77
CA LEU A 235 -27.09 -8.50 12.30
C LEU A 235 -27.57 -9.11 10.99
N PHE A 236 -26.62 -9.44 10.08
CA PHE A 236 -27.03 -10.07 8.83
C PHE A 236 -27.81 -11.35 9.07
N VAL A 237 -27.57 -12.05 10.20
CA VAL A 237 -28.34 -13.26 10.49
C VAL A 237 -29.79 -12.89 10.79
N VAL A 238 -30.01 -11.77 11.51
CA VAL A 238 -31.38 -11.28 11.71
C VAL A 238 -32.05 -10.97 10.37
N ASP A 239 -31.32 -10.35 9.45
CA ASP A 239 -31.87 -10.03 8.13
C ASP A 239 -32.35 -11.29 7.42
N VAL A 240 -31.48 -12.30 7.35
CA VAL A 240 -31.76 -13.48 6.54
C VAL A 240 -33.02 -14.15 7.03
N LYS A 241 -33.13 -14.34 8.34
CA LYS A 241 -34.32 -14.97 8.88
C LYS A 241 -35.55 -14.09 8.69
N LEU A 242 -35.40 -12.76 8.88
CA LEU A 242 -36.56 -11.87 8.98
C LEU A 242 -37.13 -11.49 7.61
N TRP A 243 -36.31 -11.13 6.63
CA TRP A 243 -36.82 -10.62 5.37
C TRP A 243 -36.06 -11.06 4.13
N LEU A 244 -34.76 -11.33 4.20
CA LEU A 244 -34.05 -11.69 2.98
C LEU A 244 -34.37 -13.11 2.54
N GLY A 245 -34.26 -14.07 3.47
CA GLY A 245 -34.52 -15.47 3.17
C GLY A 245 -33.78 -15.94 1.94
N ASN A 246 -34.50 -16.66 1.07
CA ASN A 246 -33.96 -17.17 -0.18
C ASN A 246 -34.52 -16.43 -1.39
N HIS A 247 -34.95 -15.18 -1.19
CA HIS A 247 -35.70 -14.45 -2.22
C HIS A 247 -34.83 -13.64 -3.16
N SER A 248 -33.54 -13.49 -2.86
CA SER A 248 -32.63 -12.64 -3.65
C SER A 248 -31.33 -13.37 -3.94
N PRO A 249 -31.38 -14.47 -4.71
CA PRO A 249 -30.21 -15.35 -4.81
C PRO A 249 -28.93 -14.73 -5.36
N ASN A 250 -28.99 -13.92 -6.40
CA ASN A 250 -27.72 -13.46 -6.98
C ASN A 250 -27.35 -12.05 -6.54
N SER A 251 -27.86 -11.63 -5.38
CA SER A 251 -27.64 -10.29 -4.87
C SER A 251 -26.26 -10.17 -4.20
N GLU A 252 -25.74 -8.93 -4.20
CA GLU A 252 -24.49 -8.64 -3.53
C GLU A 252 -24.55 -8.93 -2.03
N TYR A 253 -25.72 -8.73 -1.42
CA TYR A 253 -25.85 -8.97 0.02
C TYR A 253 -25.72 -10.46 0.38
N VAL A 254 -26.29 -11.35 -0.43
CA VAL A 254 -26.10 -12.79 -0.21
C VAL A 254 -24.63 -13.19 -0.34
N SER A 255 -23.89 -12.50 -1.22
CA SER A 255 -22.49 -12.87 -1.44
C SER A 255 -21.62 -12.48 -0.25
N PHE A 256 -21.92 -11.33 0.39
CA PHE A 256 -21.30 -10.95 1.66
C PHE A 256 -21.68 -11.90 2.80
N ILE A 257 -22.95 -12.29 2.89
CA ILE A 257 -23.36 -13.25 3.91
C ILE A 257 -22.65 -14.57 3.69
N LYS A 258 -22.67 -15.06 2.43
CA LYS A 258 -21.94 -16.28 2.07
C LYS A 258 -20.50 -16.22 2.57
N ASP A 259 -19.83 -15.08 2.35
CA ASP A 259 -18.45 -14.91 2.78
C ASP A 259 -18.31 -14.81 4.29
N SER A 260 -19.39 -14.53 5.01
CA SER A 260 -19.36 -14.30 6.45
C SER A 260 -19.71 -15.53 7.28
N VAL A 261 -20.38 -16.53 6.70
CA VAL A 261 -20.97 -17.61 7.50
C VAL A 261 -19.92 -18.27 8.39
N PHE A 262 -18.74 -18.54 7.83
CA PHE A 262 -17.76 -19.29 8.61
C PHE A 262 -16.85 -18.39 9.45
N TYR A 263 -17.08 -17.07 9.42
CA TYR A 263 -16.48 -16.19 10.44
C TYR A 263 -17.29 -16.19 11.74
N LEU A 264 -18.60 -16.33 11.65
CA LEU A 264 -19.46 -16.51 12.81
C LEU A 264 -18.96 -17.59 13.75
N PRO A 265 -19.19 -17.43 15.05
CA PRO A 265 -19.09 -18.56 15.98
C PRO A 265 -19.91 -19.74 15.49
N PRO A 266 -19.45 -20.96 15.72
CA PRO A 266 -20.11 -22.13 15.12
C PRO A 266 -21.60 -22.21 15.41
N GLU A 267 -22.02 -21.89 16.63
CA GLU A 267 -23.44 -22.02 17.01
C GLU A 267 -24.38 -21.13 16.19
N LEU A 268 -23.88 -20.11 15.48
CA LEU A 268 -24.80 -19.32 14.67
C LEU A 268 -24.81 -19.77 13.21
N ARG A 269 -23.95 -20.70 12.83
CA ARG A 269 -23.87 -21.11 11.42
C ARG A 269 -25.11 -21.89 10.96
N PRO A 270 -25.61 -22.89 11.69
CA PRO A 270 -26.83 -23.59 11.21
C PRO A 270 -28.01 -22.66 11.03
N ILE A 271 -28.24 -21.72 11.97
CA ILE A 271 -29.33 -20.76 11.87
C ILE A 271 -29.22 -20.01 10.55
N CYS A 272 -28.01 -19.51 10.25
CA CYS A 272 -27.82 -18.70 9.06
C CYS A 272 -27.99 -19.54 7.79
N VAL A 273 -27.41 -20.74 7.77
CA VAL A 273 -27.51 -21.55 6.55
C VAL A 273 -28.96 -21.95 6.31
N ASP A 274 -29.63 -22.49 7.33
CA ASP A 274 -31.06 -22.79 7.20
C ASP A 274 -31.84 -21.60 6.64
N SER A 275 -31.54 -20.39 7.13
CA SER A 275 -32.32 -19.24 6.74
C SER A 275 -32.06 -18.84 5.30
N LEU A 276 -30.79 -18.90 4.86
CA LEU A 276 -30.48 -18.62 3.46
C LEU A 276 -31.24 -19.54 2.50
N LEU A 277 -31.72 -20.69 2.96
CA LEU A 277 -32.33 -21.68 2.09
C LEU A 277 -33.83 -21.82 2.32
N GLU A 278 -34.47 -20.81 2.90
CA GLU A 278 -35.87 -20.88 3.26
C GLU A 278 -36.52 -19.53 2.99
N PRO A 279 -37.84 -19.49 2.82
CA PRO A 279 -38.53 -18.19 2.77
C PRO A 279 -38.41 -17.48 4.11
N SER A 280 -38.30 -16.15 4.06
CA SER A 280 -38.18 -15.38 5.29
C SER A 280 -39.48 -15.37 6.08
N VAL A 281 -39.36 -15.01 7.36
CA VAL A 281 -40.53 -14.89 8.23
C VAL A 281 -41.56 -13.94 7.62
N ILE A 282 -41.11 -12.79 7.12
CA ILE A 282 -42.08 -11.78 6.68
C ILE A 282 -42.77 -12.22 5.39
N ASN A 283 -42.05 -12.86 4.46
CA ASN A 283 -42.71 -13.43 3.28
C ASN A 283 -43.78 -14.44 3.66
N GLN A 284 -43.49 -15.28 4.68
CA GLN A 284 -44.45 -16.26 5.17
C GLN A 284 -45.63 -15.58 5.87
N LYS A 285 -45.35 -14.62 6.74
CA LYS A 285 -46.42 -13.93 7.44
C LYS A 285 -47.19 -12.99 6.53
N PHE A 286 -46.61 -12.58 5.39
CA PHE A 286 -47.41 -11.91 4.37
C PHE A 286 -48.44 -12.87 3.78
N ALA A 287 -48.03 -14.12 3.51
CA ALA A 287 -48.95 -15.11 2.96
C ALA A 287 -50.07 -15.43 3.95
N GLU A 288 -49.70 -15.76 5.18
CA GLU A 288 -50.68 -16.07 6.21
C GLU A 288 -51.67 -14.91 6.41
N PHE A 289 -51.18 -13.67 6.45
CA PHE A 289 -52.02 -12.50 6.73
C PHE A 289 -53.10 -12.33 5.67
N GLY A 290 -52.71 -12.41 4.40
CA GLY A 290 -53.65 -12.25 3.30
C GLY A 290 -54.44 -13.51 3.02
N SER A 291 -54.56 -14.37 4.04
CA SER A 291 -55.23 -15.65 3.88
C SER A 291 -55.99 -16.09 5.12
N VAL A 292 -55.97 -15.33 6.20
CA VAL A 292 -56.50 -15.76 7.48
C VAL A 292 -57.49 -14.70 7.95
N GLU A 293 -58.25 -15.03 9.00
CA GLU A 293 -59.19 -14.07 9.55
C GLU A 293 -58.40 -12.97 10.23
N ILE A 294 -58.31 -11.80 9.61
CA ILE A 294 -57.54 -10.69 10.16
C ILE A 294 -58.25 -10.13 11.39
N THR A 295 -57.82 -10.55 12.58
CA THR A 295 -58.37 -10.05 13.83
C THR A 295 -57.54 -8.90 14.40
N ASP A 296 -57.83 -8.51 15.65
CA ASP A 296 -57.05 -7.44 16.25
C ASP A 296 -55.67 -7.91 16.67
N GLN A 297 -55.54 -9.19 17.06
CA GLN A 297 -54.23 -9.71 17.38
C GLN A 297 -53.37 -9.84 16.13
N VAL A 298 -53.98 -10.25 15.01
CA VAL A 298 -53.25 -10.43 13.76
C VAL A 298 -52.61 -9.11 13.32
N ILE A 299 -53.34 -8.01 13.46
CA ILE A 299 -52.79 -6.71 13.09
C ILE A 299 -51.68 -6.31 14.05
N LYS A 300 -51.90 -6.52 15.35
CA LYS A 300 -50.83 -6.33 16.32
C LYS A 300 -49.61 -7.18 15.98
N GLY A 301 -49.84 -8.45 15.60
CA GLY A 301 -48.73 -9.32 15.24
C GLY A 301 -47.96 -8.82 14.04
N MET A 302 -48.67 -8.39 13.00
CA MET A 302 -47.99 -7.81 11.84
C MET A 302 -47.37 -6.47 12.18
N GLU A 303 -47.96 -5.73 13.12
CA GLU A 303 -47.34 -4.48 13.48
C GLU A 303 -46.07 -4.69 14.29
N SER A 304 -45.95 -5.84 14.97
CA SER A 304 -44.72 -6.08 15.71
C SER A 304 -43.54 -6.37 14.77
N LEU A 305 -43.81 -6.79 13.54
CA LEU A 305 -42.72 -7.04 12.60
C LEU A 305 -42.21 -5.76 12.01
N LEU A 306 -43.13 -4.84 11.69
CA LEU A 306 -42.73 -3.49 11.30
C LEU A 306 -41.87 -2.84 12.39
N SER A 307 -42.22 -3.07 13.66
CA SER A 307 -41.42 -2.54 14.76
C SER A 307 -39.98 -3.04 14.71
N VAL A 308 -39.76 -4.34 14.47
CA VAL A 308 -38.39 -4.82 14.36
C VAL A 308 -37.68 -4.14 13.19
N ILE A 309 -38.31 -4.15 12.02
CA ILE A 309 -37.73 -3.54 10.84
C ILE A 309 -37.40 -2.07 11.11
N GLN A 310 -38.24 -1.39 11.89
CA GLN A 310 -38.00 0.03 12.14
C GLN A 310 -36.85 0.27 13.11
N VAL A 311 -36.58 -0.70 13.99
CA VAL A 311 -35.35 -0.62 14.77
C VAL A 311 -34.12 -0.82 13.89
N LEU A 312 -34.21 -1.70 12.88
CA LEU A 312 -33.07 -1.88 12.01
C LEU A 312 -32.75 -0.59 11.27
N LEU A 313 -33.80 0.18 10.91
CA LEU A 313 -33.59 1.45 10.25
C LEU A 313 -32.95 2.46 11.20
N LYS A 314 -33.35 2.43 12.48
CA LYS A 314 -32.70 3.30 13.44
C LYS A 314 -31.24 2.97 13.62
N PHE A 315 -30.82 1.75 13.29
CA PHE A 315 -29.40 1.47 13.24
C PHE A 315 -28.78 1.92 11.91
N ARG A 316 -29.44 1.61 10.79
CA ARG A 316 -28.73 1.75 9.51
C ARG A 316 -28.63 3.20 9.03
N LYS A 317 -29.61 4.05 9.36
CA LYS A 317 -29.55 5.45 8.94
C LYS A 317 -28.38 6.21 9.56
N PRO A 318 -28.23 6.28 10.88
CA PRO A 318 -27.06 6.98 11.40
C PRO A 318 -25.78 6.29 11.02
N HIS A 319 -25.82 4.97 10.87
CA HIS A 319 -24.63 4.24 10.46
C HIS A 319 -24.16 4.68 9.07
N PHE A 320 -25.09 4.73 8.12
CA PHE A 320 -24.77 5.19 6.78
C PHE A 320 -24.13 6.58 6.82
N GLN A 321 -24.73 7.49 7.60
CA GLN A 321 -24.20 8.84 7.77
C GLN A 321 -22.75 8.81 8.24
N LEU A 322 -22.47 7.96 9.23
CA LEU A 322 -21.14 7.93 9.84
C LEU A 322 -20.10 7.37 8.89
N ALA A 323 -20.43 6.29 8.18
CA ALA A 323 -19.52 5.78 7.14
C ALA A 323 -19.34 6.80 6.03
N GLN A 324 -20.35 7.64 5.77
CA GLN A 324 -20.21 8.64 4.71
C GLN A 324 -19.24 9.74 5.11
N ARG A 325 -19.35 10.23 6.35
CA ARG A 325 -18.41 11.22 6.84
C ARG A 325 -16.99 10.65 6.90
N THR A 326 -16.86 9.38 7.26
CA THR A 326 -15.54 8.77 7.43
C THR A 326 -14.83 8.58 6.09
N LEU A 327 -15.56 8.19 5.06
CA LEU A 327 -15.02 7.95 3.72
C LEU A 327 -15.09 9.18 2.81
N SER A 328 -15.44 10.34 3.35
CA SER A 328 -15.46 11.56 2.56
C SER A 328 -14.04 12.02 2.26
N LYS A 329 -13.86 12.69 1.11
CA LYS A 329 -12.54 13.13 0.68
C LYS A 329 -11.79 13.91 1.76
N GLU A 330 -12.52 14.65 2.58
CA GLU A 330 -11.92 15.39 3.67
C GLU A 330 -11.41 14.47 4.78
N ASN A 331 -12.19 13.43 5.14
CA ASN A 331 -11.86 12.64 6.34
C ASN A 331 -11.16 11.33 6.06
N ARG A 332 -11.25 10.78 4.84
CA ARG A 332 -10.55 9.54 4.57
C ARG A 332 -9.03 9.77 4.55
N GLY A 333 -8.31 8.68 4.75
CA GLY A 333 -6.87 8.66 4.61
C GLY A 333 -6.53 7.77 3.44
N ASN A 334 -5.99 6.59 3.71
CA ASN A 334 -5.45 5.72 2.69
C ASN A 334 -6.46 4.78 2.07
N TYR A 335 -7.68 4.75 2.59
CA TYR A 335 -8.63 3.71 2.24
C TYR A 335 -9.90 4.32 1.67
N THR A 336 -10.47 3.64 0.68
CA THR A 336 -11.80 3.94 0.17
C THR A 336 -12.82 2.88 0.55
N THR A 337 -12.43 1.88 1.35
CA THR A 337 -13.26 0.72 1.67
C THR A 337 -13.16 0.40 3.14
N GLY A 338 -14.14 -0.41 3.63
CA GLY A 338 -14.05 -0.94 4.96
C GLY A 338 -13.20 -2.21 5.03
N SER A 339 -12.97 -2.67 6.26
CA SER A 339 -12.17 -3.88 6.47
C SER A 339 -12.73 -5.09 5.73
N ALA A 340 -14.00 -5.10 5.39
CA ALA A 340 -14.51 -6.23 4.63
C ALA A 340 -14.44 -5.95 3.14
N GLY A 341 -13.94 -4.77 2.74
CA GLY A 341 -13.63 -4.46 1.36
C GLY A 341 -14.73 -3.83 0.54
N TYR A 342 -15.70 -3.17 1.16
CA TYR A 342 -16.77 -2.52 0.43
C TYR A 342 -16.75 -1.02 0.66
N THR A 343 -17.47 -0.30 -0.19
CA THR A 343 -17.67 1.13 -0.03
C THR A 343 -19.03 1.37 0.63
N ASN A 344 -19.31 2.63 0.95
CA ASN A 344 -20.63 2.96 1.51
C ASN A 344 -21.76 2.59 0.55
N SER A 345 -21.47 2.30 -0.72
CA SER A 345 -22.49 1.79 -1.62
C SER A 345 -23.15 0.51 -1.10
N PHE A 346 -22.38 -0.32 -0.41
CA PHE A 346 -22.92 -1.55 0.16
C PHE A 346 -23.89 -1.23 1.28
N ASN A 347 -23.48 -0.35 2.18
CA ASN A 347 -24.36 0.10 3.25
C ASN A 347 -25.65 0.69 2.69
N HIS A 348 -25.52 1.54 1.67
CA HIS A 348 -26.70 2.09 1.04
C HIS A 348 -27.61 0.98 0.51
N MET A 349 -27.02 -0.04 -0.12
CA MET A 349 -27.81 -1.14 -0.67
C MET A 349 -28.56 -1.91 0.44
N VAL A 350 -27.91 -2.15 1.58
CA VAL A 350 -28.61 -2.82 2.67
C VAL A 350 -29.73 -1.93 3.22
N LEU A 351 -29.50 -0.62 3.29
CA LEU A 351 -30.51 0.29 3.82
C LEU A 351 -31.72 0.36 2.90
N GLU A 352 -31.51 0.43 1.58
CA GLU A 352 -32.64 0.45 0.66
C GLU A 352 -33.48 -0.82 0.77
N PHE A 353 -32.82 -1.98 0.77
CA PHE A 353 -33.48 -3.25 1.08
C PHE A 353 -34.37 -3.12 2.31
N THR A 354 -33.84 -2.51 3.36
CA THR A 354 -34.55 -2.45 4.63
C THR A 354 -35.69 -1.44 4.57
N ILE A 355 -35.51 -0.35 3.83
CA ILE A 355 -36.60 0.58 3.60
C ILE A 355 -37.71 -0.05 2.76
N GLU A 356 -37.34 -0.84 1.76
CA GLU A 356 -38.36 -1.50 0.94
C GLU A 356 -39.21 -2.45 1.77
N VAL A 357 -38.62 -3.13 2.74
CA VAL A 357 -39.41 -4.04 3.57
C VAL A 357 -40.44 -3.25 4.35
N GLU A 358 -40.00 -2.13 4.96
CA GLU A 358 -40.92 -1.25 5.68
C GLU A 358 -42.08 -0.82 4.80
N LYS A 359 -41.77 -0.31 3.61
CA LYS A 359 -42.83 0.08 2.67
C LYS A 359 -43.78 -1.06 2.39
N GLN A 360 -43.25 -2.29 2.23
CA GLN A 360 -44.09 -3.44 1.93
C GLN A 360 -45.02 -3.79 3.08
N ILE A 361 -44.51 -3.79 4.32
CA ILE A 361 -45.36 -4.09 5.46
C ILE A 361 -46.41 -3.01 5.65
N ARG A 362 -46.04 -1.76 5.39
CA ARG A 362 -46.98 -0.65 5.52
C ARG A 362 -48.12 -0.78 4.52
N ALA A 363 -47.84 -1.35 3.35
CA ALA A 363 -48.89 -1.59 2.37
C ALA A 363 -49.85 -2.67 2.84
N VAL A 364 -49.32 -3.74 3.43
CA VAL A 364 -50.18 -4.85 3.85
C VAL A 364 -51.12 -4.39 4.96
N LEU A 365 -50.67 -3.43 5.76
CA LEU A 365 -51.46 -2.90 6.86
C LEU A 365 -52.33 -1.70 6.46
N ALA A 366 -52.05 -1.06 5.33
CA ALA A 366 -52.69 0.21 4.98
C ALA A 366 -54.21 0.22 5.09
N PRO A 367 -54.95 -0.82 4.67
CA PRO A 367 -56.40 -0.78 4.88
C PRO A 367 -56.81 -1.18 6.29
N TYR A 368 -56.08 -0.73 7.30
CA TYR A 368 -56.43 -1.07 8.69
C TYR A 368 -56.06 0.04 9.68
N ILE B 22 34.32 10.82 -8.41
CA ILE B 22 35.13 9.84 -9.13
C ILE B 22 34.87 8.44 -8.54
N SER B 23 34.39 7.55 -9.41
CA SER B 23 33.63 6.39 -8.98
C SER B 23 34.51 5.29 -8.36
N ASN B 24 35.72 5.09 -8.90
CA ASN B 24 36.62 4.06 -8.37
C ASN B 24 36.96 4.33 -6.91
N GLU B 25 37.12 5.60 -6.55
CA GLU B 25 37.44 5.96 -5.17
C GLU B 25 36.23 5.91 -4.24
N ILE B 26 35.02 6.03 -4.78
CA ILE B 26 33.84 5.92 -3.93
C ILE B 26 33.47 4.45 -3.70
N SER B 27 33.48 3.64 -4.77
CA SER B 27 33.01 2.26 -4.68
C SER B 27 33.96 1.33 -3.92
N LYS B 28 35.19 1.75 -3.66
CA LYS B 28 36.12 0.92 -2.90
C LYS B 28 35.98 1.12 -1.39
N LEU B 29 35.21 2.11 -0.97
CA LEU B 29 35.08 2.47 0.43
C LEU B 29 34.00 1.66 1.14
N ASP B 30 34.21 1.46 2.44
CA ASP B 30 33.22 0.87 3.35
C ASP B 30 33.20 1.65 4.65
N PRO B 31 32.82 2.94 4.61
CA PRO B 31 32.95 3.79 5.81
C PRO B 31 32.18 3.31 7.04
N LEU B 32 31.10 2.55 6.87
CA LEU B 32 30.27 2.08 7.97
C LEU B 32 30.52 0.63 8.31
N ASN B 33 31.57 0.02 7.74
CA ASN B 33 31.97 -1.36 7.99
C ASN B 33 30.81 -2.31 7.73
N LEU B 34 30.15 -2.10 6.61
CA LEU B 34 28.96 -2.83 6.26
C LEU B 34 29.23 -3.97 5.28
N ASP B 35 30.50 -4.25 4.95
CA ASP B 35 30.76 -5.20 3.88
C ASP B 35 30.15 -6.56 4.20
N ALA B 36 30.39 -7.07 5.41
CA ALA B 36 29.83 -8.38 5.77
C ALA B 36 28.30 -8.33 5.80
N PHE B 37 27.74 -7.23 6.36
CA PHE B 37 26.29 -7.08 6.36
C PHE B 37 25.70 -7.18 4.96
N PHE B 38 26.42 -6.72 3.93
CA PHE B 38 25.83 -6.77 2.60
C PHE B 38 25.93 -8.15 1.96
N ASN B 39 26.80 -9.02 2.47
CA ASN B 39 26.73 -10.40 2.01
C ASN B 39 25.46 -11.08 2.50
N GLN B 40 24.98 -10.73 3.71
CA GLN B 40 23.76 -11.29 4.26
C GLN B 40 22.49 -10.55 3.86
N LEU B 41 22.60 -9.36 3.27
CA LEU B 41 21.39 -8.58 2.99
C LEU B 41 20.40 -9.28 2.07
N PRO B 42 20.80 -9.95 0.98
CA PRO B 42 19.78 -10.61 0.15
C PRO B 42 18.97 -11.63 0.92
N SER B 43 19.59 -12.29 1.90
CA SER B 43 18.87 -13.27 2.71
C SER B 43 17.97 -12.60 3.74
N LEU B 44 18.48 -11.56 4.43
CA LEU B 44 17.63 -10.81 5.33
C LEU B 44 16.37 -10.35 4.62
N ASN B 45 16.51 -9.91 3.39
CA ASN B 45 15.36 -9.38 2.68
C ASN B 45 14.42 -10.50 2.27
N GLN B 46 14.98 -11.66 1.90
CA GLN B 46 14.15 -12.80 1.51
C GLN B 46 13.35 -13.34 2.69
N ASN B 47 13.90 -13.30 3.89
CA ASN B 47 13.25 -13.84 5.07
C ASN B 47 12.46 -12.81 5.85
N LEU B 48 12.47 -11.54 5.41
CA LEU B 48 11.71 -10.44 6.02
C LEU B 48 12.25 -10.09 7.41
N GLU B 49 13.56 -10.10 7.58
CA GLU B 49 14.16 -9.89 8.91
C GLU B 49 14.26 -8.40 9.22
N VAL B 50 13.09 -7.78 9.37
CA VAL B 50 13.02 -6.34 9.64
C VAL B 50 13.75 -5.97 10.92
N SER B 51 13.75 -6.84 11.92
CA SER B 51 14.44 -6.54 13.18
C SER B 51 15.91 -6.27 12.94
N LEU B 52 16.54 -7.06 12.07
CA LEU B 52 17.98 -6.94 11.86
C LEU B 52 18.31 -5.69 11.05
N LEU B 53 17.46 -5.34 10.08
CA LEU B 53 17.57 -4.05 9.40
C LEU B 53 17.46 -2.89 10.37
N ILE B 54 16.37 -2.86 11.15
CA ILE B 54 16.18 -1.81 12.16
C ILE B 54 17.39 -1.74 13.07
N ASP B 55 17.87 -2.91 13.52
CA ASP B 55 18.96 -2.89 14.49
C ASP B 55 20.23 -2.35 13.85
N LYS B 56 20.46 -2.67 12.57
CA LYS B 56 21.62 -2.14 11.87
C LYS B 56 21.55 -0.61 11.77
N LEU B 57 20.39 -0.05 11.43
CA LEU B 57 20.21 1.40 11.37
C LEU B 57 20.46 2.05 12.73
N ARG B 58 20.03 1.40 13.80
CA ARG B 58 20.28 1.96 15.13
C ARG B 58 21.77 1.91 15.48
N GLU B 59 22.46 0.79 15.23
CA GLU B 59 23.89 0.75 15.52
C GLU B 59 24.63 1.83 14.76
N ILE B 60 24.22 2.13 13.53
CA ILE B 60 24.94 3.11 12.72
C ILE B 60 24.82 4.49 13.35
N THR B 61 23.59 4.89 13.71
CA THR B 61 23.40 6.19 14.34
C THR B 61 24.11 6.28 15.68
N LYS B 62 24.29 5.14 16.36
CA LYS B 62 24.96 5.17 17.64
C LYS B 62 26.48 5.14 17.53
N SER B 63 27.05 4.70 16.39
CA SER B 63 28.45 4.35 16.32
C SER B 63 29.30 5.27 15.46
N TYR B 64 28.71 6.02 14.54
CA TYR B 64 29.47 6.87 13.64
C TYR B 64 29.03 8.31 13.83
N LEU B 65 29.98 9.22 13.72
CA LEU B 65 29.73 10.65 13.75
C LEU B 65 30.09 11.13 12.36
N PRO B 66 29.12 11.21 11.46
CA PRO B 66 29.46 11.47 10.05
C PRO B 66 30.14 12.82 9.83
N THR B 67 30.12 13.71 10.81
CA THR B 67 30.87 14.94 10.69
C THR B 67 32.35 14.66 10.41
N THR B 68 32.85 13.48 10.81
CA THR B 68 34.22 13.07 10.55
C THR B 68 34.44 12.51 9.15
N PHE B 69 33.46 12.54 8.26
CA PHE B 69 33.62 11.88 6.96
C PHE B 69 34.18 12.85 5.94
N SER B 70 35.12 12.37 5.12
CA SER B 70 35.46 13.03 3.87
C SER B 70 34.26 13.01 2.92
N ILE B 71 34.36 13.77 1.83
CA ILE B 71 33.27 13.75 0.84
C ILE B 71 33.09 12.34 0.28
N ASN B 72 34.19 11.63 -0.01
CA ASN B 72 34.04 10.29 -0.58
C ASN B 72 33.38 9.33 0.40
N ASP B 73 33.81 9.36 1.67
CA ASP B 73 33.13 8.60 2.73
C ASP B 73 31.64 8.89 2.75
N ALA B 74 31.27 10.17 2.78
CA ALA B 74 29.85 10.51 2.87
C ALA B 74 29.07 10.03 1.66
N LEU B 75 29.68 10.05 0.48
CA LEU B 75 28.95 9.52 -0.67
C LEU B 75 28.76 8.01 -0.55
N ALA B 76 29.77 7.30 -0.04
CA ALA B 76 29.66 5.86 0.09
C ALA B 76 28.75 5.49 1.25
N ALA B 77 28.73 6.30 2.31
CA ALA B 77 27.82 6.08 3.41
C ALA B 77 26.39 6.29 2.96
N THR B 78 26.14 7.31 2.14
CA THR B 78 24.79 7.48 1.60
C THR B 78 24.39 6.26 0.78
N ARG B 79 25.33 5.70 0.02
CA ARG B 79 25.04 4.56 -0.81
C ARG B 79 24.59 3.36 0.05
N ASP B 80 25.34 3.07 1.11
CA ASP B 80 25.12 1.91 1.94
C ASP B 80 23.93 2.12 2.88
N LEU B 81 23.94 3.23 3.61
CA LEU B 81 22.83 3.52 4.51
C LEU B 81 21.51 3.61 3.74
N GLY B 82 21.54 4.21 2.54
CA GLY B 82 20.31 4.31 1.76
C GLY B 82 19.73 2.96 1.40
N MET B 83 20.57 2.04 0.96
CA MET B 83 20.07 0.74 0.58
C MET B 83 19.47 -0.01 1.75
N ILE B 84 20.02 0.16 2.95
CA ILE B 84 19.37 -0.43 4.13
C ILE B 84 18.03 0.24 4.38
N MET B 85 17.99 1.56 4.32
CA MET B 85 16.73 2.28 4.44
C MET B 85 15.72 1.80 3.40
N SER B 86 16.14 1.60 2.15
CA SER B 86 15.17 1.18 1.13
C SER B 86 14.63 -0.22 1.40
N SER B 87 15.46 -1.07 2.04
CA SER B 87 15.05 -2.39 2.44
C SER B 87 13.98 -2.34 3.52
N VAL B 88 14.01 -1.31 4.37
CA VAL B 88 13.00 -1.17 5.40
C VAL B 88 11.71 -0.62 4.80
N ARG B 89 11.85 0.46 4.05
CA ARG B 89 10.73 0.99 3.31
C ARG B 89 10.08 -0.07 2.44
N LYS B 90 10.86 -1.03 1.94
CA LYS B 90 10.26 -2.07 1.11
C LYS B 90 9.18 -2.82 1.87
N LEU B 91 9.39 -3.06 3.17
CA LEU B 91 8.37 -3.75 3.97
C LEU B 91 7.14 -2.89 4.22
N GLY B 92 7.23 -1.58 4.03
CA GLY B 92 6.13 -0.65 4.32
C GLY B 92 6.39 0.27 5.49
N ILE B 93 7.53 0.15 6.17
CA ILE B 93 7.87 1.00 7.30
C ILE B 93 8.69 2.18 6.80
N GLN B 94 8.22 3.40 7.09
CA GLN B 94 9.08 4.56 6.92
C GLN B 94 10.31 4.50 7.83
N PRO B 95 11.52 4.31 7.27
CA PRO B 95 12.67 4.02 8.15
C PRO B 95 13.06 5.15 9.08
N VAL B 96 12.80 6.40 8.71
CA VAL B 96 13.19 7.49 9.62
C VAL B 96 12.14 7.69 10.71
N SER B 97 10.89 7.24 10.48
CA SER B 97 9.89 7.23 11.55
C SER B 97 10.21 6.17 12.60
N ALA B 98 10.82 5.05 12.22
CA ALA B 98 11.15 4.01 13.18
C ALA B 98 12.42 4.33 13.95
N VAL B 99 13.47 4.77 13.24
CA VAL B 99 14.75 5.16 13.85
C VAL B 99 14.88 6.67 13.69
N SER B 100 14.36 7.42 14.65
CA SER B 100 14.29 8.86 14.48
C SER B 100 15.66 9.54 14.54
N ASP B 101 16.66 8.88 15.15
CA ASP B 101 18.03 9.40 15.13
C ASP B 101 18.61 9.48 13.73
N LEU B 102 18.04 8.75 12.76
CA LEU B 102 18.52 8.85 11.39
C LEU B 102 18.37 10.27 10.85
N GLU B 103 17.43 11.04 11.38
CA GLU B 103 17.16 12.33 10.77
C GLU B 103 18.35 13.25 10.89
N VAL B 104 18.95 13.34 12.09
CA VAL B 104 20.10 14.23 12.26
C VAL B 104 21.30 13.69 11.49
N PHE B 105 21.44 12.35 11.48
CA PHE B 105 22.51 11.67 10.76
C PHE B 105 22.44 11.96 9.26
N LEU B 106 21.27 11.74 8.66
CA LEU B 106 21.11 11.99 7.23
C LEU B 106 21.25 13.47 6.92
N GLU B 107 20.82 14.34 7.82
CA GLU B 107 21.03 15.77 7.66
C GLU B 107 22.52 16.10 7.63
N THR B 108 23.29 15.56 8.59
CA THR B 108 24.73 15.77 8.59
C THR B 108 25.39 15.19 7.35
N LEU B 109 24.91 14.05 6.85
CA LEU B 109 25.54 13.42 5.70
C LEU B 109 25.35 14.24 4.44
N SER B 110 24.14 14.79 4.25
CA SER B 110 23.88 15.53 3.02
C SER B 110 24.45 16.96 3.06
N GLU B 111 24.74 17.48 4.24
CA GLU B 111 25.52 18.71 4.33
C GLU B 111 26.89 18.51 3.70
N ILE B 112 27.44 17.31 3.81
CA ILE B 112 28.77 17.01 3.30
C ILE B 112 28.73 16.65 1.82
N THR B 113 27.70 15.88 1.40
CA THR B 113 27.63 15.51 0.00
C THR B 113 27.04 16.61 -0.87
N ASN B 114 26.38 17.60 -0.28
CA ASN B 114 25.51 18.52 -1.05
C ASN B 114 24.57 17.74 -1.99
N MET B 115 24.11 16.55 -1.58
CA MET B 115 23.13 15.77 -2.33
C MET B 115 22.01 15.30 -1.40
N VAL B 116 20.97 14.72 -2.00
CA VAL B 116 19.83 14.20 -1.24
C VAL B 116 20.33 13.14 -0.26
N PRO B 117 19.68 13.01 0.91
CA PRO B 117 20.01 11.98 1.90
C PRO B 117 19.41 10.61 1.56
N ARG B 118 19.63 10.16 0.32
CA ARG B 118 19.04 8.92 -0.19
C ARG B 118 19.94 8.45 -1.33
N GLU B 119 19.94 7.14 -1.61
CA GLU B 119 20.75 6.67 -2.73
C GLU B 119 20.02 6.96 -4.04
N THR B 120 20.80 7.21 -5.08
CA THR B 120 20.32 7.34 -6.44
C THR B 120 20.99 6.25 -7.29
N SER B 121 20.70 6.24 -8.58
CA SER B 121 21.39 5.25 -9.39
C SER B 121 22.87 5.55 -9.59
N TYR B 122 23.37 6.72 -9.19
CA TYR B 122 24.84 6.87 -9.10
C TYR B 122 25.43 5.96 -8.04
N HIS B 123 24.75 5.86 -6.87
CA HIS B 123 25.26 5.03 -5.78
C HIS B 123 25.11 3.54 -6.09
N TYR B 124 24.04 3.19 -6.79
CA TYR B 124 23.71 1.81 -7.11
C TYR B 124 24.52 1.25 -8.29
N GLY B 125 25.00 2.11 -9.19
CA GLY B 125 25.74 1.69 -10.35
C GLY B 125 27.22 2.04 -10.29
N PRO B 126 27.59 3.21 -10.80
CA PRO B 126 29.04 3.57 -10.85
C PRO B 126 29.74 3.63 -9.49
N TRP B 127 29.06 4.01 -8.41
CA TRP B 127 29.70 4.06 -7.09
C TRP B 127 29.55 2.77 -6.30
N ASN B 128 28.98 1.74 -6.93
CA ASN B 128 28.71 0.47 -6.32
C ASN B 128 29.78 -0.51 -6.75
N PRO B 129 30.59 -1.06 -5.84
CA PRO B 129 31.76 -1.86 -6.25
C PRO B 129 31.40 -3.06 -7.13
N ILE B 130 32.35 -3.45 -7.95
CA ILE B 130 32.22 -4.63 -8.78
C ILE B 130 32.73 -5.84 -8.00
N GLY B 131 32.08 -6.99 -8.21
CA GLY B 131 32.56 -8.24 -7.64
C GLY B 131 31.97 -8.64 -6.30
N GLU B 132 32.81 -9.22 -5.45
CA GLU B 132 32.38 -9.76 -4.17
C GLU B 132 31.68 -8.72 -3.31
N ARG B 133 32.09 -7.44 -3.39
CA ARG B 133 31.57 -6.41 -2.50
C ARG B 133 30.30 -5.73 -3.00
N GLU B 134 29.87 -6.03 -4.22
CA GLU B 134 28.72 -5.35 -4.84
C GLU B 134 27.48 -5.38 -3.95
N ARG B 135 26.86 -4.22 -3.77
CA ARG B 135 25.65 -4.06 -2.94
C ARG B 135 24.39 -4.41 -3.73
N ARG B 136 23.61 -5.37 -3.23
CA ARG B 136 22.38 -5.78 -3.91
C ARG B 136 21.28 -6.00 -2.90
N PHE B 137 20.04 -5.72 -3.34
CA PHE B 137 18.87 -5.93 -2.50
C PHE B 137 18.50 -7.41 -2.42
N THR B 138 18.64 -8.15 -3.54
CA THR B 138 18.10 -9.51 -3.64
C THR B 138 19.18 -10.49 -4.09
N HIS B 139 18.77 -11.76 -4.17
CA HIS B 139 19.56 -12.82 -4.79
C HIS B 139 19.17 -13.05 -6.24
N PHE B 140 18.18 -12.34 -6.74
CA PHE B 140 17.74 -12.55 -8.12
C PHE B 140 18.78 -12.04 -9.11
N PRO B 141 19.23 -12.89 -10.05
CA PRO B 141 20.19 -12.41 -11.06
C PRO B 141 19.67 -11.27 -11.90
N ASP B 142 18.34 -11.13 -12.03
CA ASP B 142 17.76 -10.03 -12.79
C ASP B 142 18.13 -8.66 -12.24
N GLU B 143 18.46 -8.56 -10.96
CA GLU B 143 18.85 -7.29 -10.39
C GLU B 143 20.16 -6.80 -10.99
N ARG B 144 21.05 -7.72 -11.37
CA ARG B 144 22.27 -7.33 -12.05
C ARG B 144 21.97 -6.57 -13.33
N GLY B 145 20.80 -6.79 -13.93
CA GLY B 145 20.45 -6.06 -15.13
C GLY B 145 20.32 -4.56 -14.88
N LEU B 146 19.82 -4.18 -13.71
CA LEU B 146 19.63 -2.76 -13.38
C LEU B 146 20.96 -2.13 -13.05
N ILE B 147 21.72 -2.79 -12.16
CA ILE B 147 23.02 -2.29 -11.76
C ILE B 147 23.92 -2.11 -12.97
N GLU B 148 24.00 -3.15 -13.83
CA GLU B 148 24.86 -3.04 -15.01
C GLU B 148 24.37 -1.95 -15.94
N GLY B 149 23.05 -1.81 -16.07
CA GLY B 149 22.53 -0.80 -16.98
C GLY B 149 23.08 0.58 -16.67
N VAL B 150 22.97 1.00 -15.41
CA VAL B 150 23.32 2.36 -15.06
C VAL B 150 24.81 2.49 -14.80
N ARG B 151 25.47 1.42 -14.35
CA ARG B 151 26.93 1.47 -14.24
C ARG B 151 27.56 1.71 -15.61
N ILE B 152 26.97 1.14 -16.66
CA ILE B 152 27.50 1.38 -17.99
C ILE B 152 27.02 2.72 -18.55
N ALA B 153 25.75 3.08 -18.36
CA ALA B 153 25.28 4.28 -19.04
C ALA B 153 25.93 5.54 -18.48
N ILE B 154 26.12 5.61 -17.16
CA ILE B 154 26.39 6.90 -16.54
C ILE B 154 27.74 7.47 -16.96
N PRO B 155 28.86 6.73 -16.89
CA PRO B 155 30.13 7.31 -17.40
C PRO B 155 30.06 7.86 -18.81
N GLY B 156 29.41 7.15 -19.74
CA GLY B 156 29.43 7.61 -21.12
C GLY B 156 28.57 8.82 -21.35
N ILE B 157 27.41 8.88 -20.69
CA ILE B 157 26.54 10.06 -20.80
C ILE B 157 27.26 11.27 -20.22
N GLU B 158 28.04 11.07 -19.16
CA GLU B 158 28.80 12.15 -18.55
C GLU B 158 29.80 12.75 -19.55
N LEU B 159 30.61 11.90 -20.19
CA LEU B 159 31.52 12.38 -21.22
C LEU B 159 30.76 13.08 -22.33
N ALA B 160 29.67 12.48 -22.80
CA ALA B 160 28.87 13.10 -23.85
C ALA B 160 28.45 14.51 -23.45
N ILE B 161 28.08 14.70 -22.18
CA ILE B 161 27.60 16.00 -21.71
C ILE B 161 28.66 17.08 -21.93
N ARG B 162 29.90 16.81 -21.52
CA ARG B 162 31.00 17.76 -21.70
C ARG B 162 31.36 17.98 -23.16
N GLU B 163 31.12 17.00 -24.03
CA GLU B 163 31.41 17.16 -25.45
C GLU B 163 30.33 17.99 -26.14
N ILE B 164 29.06 17.76 -25.82
CA ILE B 164 27.97 18.53 -26.39
C ILE B 164 27.99 19.97 -25.91
N ASN B 165 28.51 20.20 -24.70
CA ASN B 165 28.67 21.56 -24.20
C ASN B 165 29.61 22.38 -25.08
N GLN B 166 30.73 21.79 -25.53
CA GLN B 166 31.65 22.54 -26.36
C GLN B 166 31.11 22.87 -27.74
N LEU B 167 29.93 22.32 -28.10
CA LEU B 167 29.40 22.54 -29.45
C LEU B 167 28.88 23.95 -29.62
N SER B 168 28.39 24.56 -28.54
CA SER B 168 27.76 25.87 -28.66
C SER B 168 28.71 26.91 -29.22
N ASN B 169 30.01 26.73 -29.04
CA ASN B 169 31.00 27.74 -29.39
C ASN B 169 31.85 27.39 -30.61
N LEU B 170 31.46 26.38 -31.40
CA LEU B 170 32.12 26.08 -32.68
C LEU B 170 31.13 26.25 -33.81
N SER B 171 31.64 26.54 -35.01
CA SER B 171 30.75 26.67 -36.16
C SER B 171 30.60 25.33 -36.87
N LEU B 172 29.47 25.17 -37.56
CA LEU B 172 29.21 23.95 -38.30
C LEU B 172 30.28 23.69 -39.35
N ASN B 173 30.95 24.76 -39.82
CA ASN B 173 32.01 24.65 -40.82
C ASN B 173 33.33 24.14 -40.23
N ASP B 174 33.49 24.23 -38.93
CA ASP B 174 34.73 23.80 -38.30
C ASP B 174 34.70 22.28 -38.16
N PRO B 175 35.73 21.58 -38.66
CA PRO B 175 35.74 20.11 -38.51
C PRO B 175 35.72 19.66 -37.06
N ALA B 176 36.16 20.51 -36.11
CA ALA B 176 36.17 20.10 -34.72
C ALA B 176 34.76 19.90 -34.18
N PHE B 177 33.78 20.62 -34.74
CA PHE B 177 32.39 20.39 -34.40
C PHE B 177 32.01 18.94 -34.68
N GLU B 178 32.12 18.51 -35.94
CA GLU B 178 31.74 17.15 -36.32
C GLU B 178 32.44 16.12 -35.45
N SER B 179 33.71 16.33 -35.14
CA SER B 179 34.44 15.38 -34.33
C SER B 179 33.87 15.25 -32.92
N LEU B 180 33.63 16.38 -32.25
CA LEU B 180 33.05 16.31 -30.90
C LEU B 180 31.70 15.61 -30.90
N ALA B 181 30.86 15.92 -31.91
CA ALA B 181 29.52 15.36 -31.97
C ALA B 181 29.57 13.86 -32.23
N LYS B 182 30.51 13.42 -33.07
CA LYS B 182 30.70 11.99 -33.27
C LYS B 182 31.22 11.33 -32.00
N SER B 183 32.09 12.02 -31.26
CA SER B 183 32.56 11.48 -29.99
C SER B 183 31.43 11.41 -28.97
N ALA B 184 30.52 12.38 -29.00
CA ALA B 184 29.37 12.35 -28.10
C ALA B 184 28.44 11.20 -28.45
N ALA B 185 28.12 11.04 -29.75
CA ALA B 185 27.28 9.92 -30.16
C ALA B 185 27.89 8.61 -29.74
N LEU B 186 29.20 8.48 -29.89
CA LEU B 186 29.86 7.25 -29.46
C LEU B 186 29.70 7.03 -27.96
N HIS B 187 29.82 8.12 -27.17
CA HIS B 187 29.70 7.98 -25.71
C HIS B 187 28.27 7.71 -25.27
N VAL B 188 27.27 8.28 -25.96
CA VAL B 188 25.88 7.98 -25.69
C VAL B 188 25.58 6.50 -25.96
N TYR B 189 26.32 5.88 -26.89
CA TYR B 189 26.13 4.46 -27.15
C TYR B 189 26.39 3.62 -25.92
N GLN B 190 27.11 4.14 -24.92
CA GLN B 190 27.19 3.41 -23.65
C GLN B 190 25.80 3.25 -23.02
N ALA B 191 24.96 4.30 -23.10
CA ALA B 191 23.59 4.12 -22.63
C ALA B 191 22.87 3.04 -23.41
N VAL B 192 23.13 2.96 -24.72
CA VAL B 192 22.49 1.91 -25.50
C VAL B 192 23.03 0.55 -25.10
N ASP B 193 24.33 0.42 -24.91
CA ASP B 193 24.86 -0.86 -24.47
C ASP B 193 24.24 -1.28 -23.14
N GLY B 194 24.07 -0.31 -22.24
CA GLY B 194 23.55 -0.62 -20.91
C GLY B 194 22.11 -1.09 -20.90
N ILE B 195 21.22 -0.40 -21.61
CA ILE B 195 19.85 -0.89 -21.60
C ILE B 195 19.80 -2.28 -22.26
N GLY B 196 20.68 -2.52 -23.24
CA GLY B 196 20.79 -3.85 -23.80
C GLY B 196 21.16 -4.90 -22.76
N GLU B 197 22.11 -4.59 -21.88
CA GLU B 197 22.38 -5.51 -20.78
C GLU B 197 21.15 -5.73 -19.92
N THR B 198 20.36 -4.67 -19.68
CA THR B 198 19.18 -4.86 -18.85
C THR B 198 18.18 -5.77 -19.55
N ILE B 199 18.01 -5.58 -20.86
CA ILE B 199 17.04 -6.37 -21.59
C ILE B 199 17.46 -7.84 -21.64
N LYS B 200 18.76 -8.11 -21.75
CA LYS B 200 19.23 -9.48 -21.68
C LYS B 200 19.03 -10.11 -20.29
N LYS B 201 19.13 -9.32 -19.23
CA LYS B 201 19.37 -9.90 -17.92
C LYS B 201 18.19 -9.78 -16.96
N THR B 202 17.19 -8.95 -17.25
CA THR B 202 16.13 -8.65 -16.29
C THR B 202 14.77 -9.05 -16.83
N ASP B 203 14.20 -10.08 -16.24
CA ASP B 203 12.86 -10.49 -16.64
C ASP B 203 11.82 -9.46 -16.17
N PRO B 204 10.99 -8.94 -17.07
CA PRO B 204 9.96 -7.98 -16.65
C PRO B 204 9.12 -8.39 -15.44
N TYR B 205 8.65 -9.65 -15.40
CA TYR B 205 7.84 -10.12 -14.29
C TYR B 205 8.64 -10.14 -12.99
N VAL B 206 9.88 -10.64 -13.04
CA VAL B 206 10.73 -10.62 -11.85
C VAL B 206 10.94 -9.18 -11.38
N PHE B 207 11.06 -8.24 -12.30
CA PHE B 207 11.29 -6.86 -11.88
C PHE B 207 10.12 -6.32 -11.08
N SER B 208 8.90 -6.42 -11.65
CA SER B 208 7.72 -5.86 -11.02
C SER B 208 7.42 -6.52 -9.68
N HIS B 209 7.74 -7.79 -9.55
CA HIS B 209 7.35 -8.49 -8.34
C HIS B 209 8.44 -8.51 -7.29
N GLU B 210 9.70 -8.51 -7.70
CA GLU B 210 10.77 -8.65 -6.71
C GLU B 210 11.64 -7.41 -6.54
N LEU B 211 11.75 -6.54 -7.54
CA LEU B 211 12.75 -5.48 -7.50
C LEU B 211 12.17 -4.10 -7.27
N ARG B 212 11.15 -3.74 -8.04
CA ARG B 212 10.40 -2.49 -7.97
C ARG B 212 10.07 -2.04 -6.54
N PRO B 213 9.63 -2.91 -5.62
CA PRO B 213 9.29 -2.41 -4.27
C PRO B 213 10.49 -1.83 -3.52
N PHE B 214 11.71 -2.17 -3.94
CA PHE B 214 12.88 -1.63 -3.25
C PHE B 214 13.17 -0.18 -3.63
N PHE B 215 12.36 0.44 -4.49
CA PHE B 215 12.64 1.78 -4.96
C PHE B 215 11.48 2.74 -4.64
N ASP B 216 10.98 2.69 -3.44
CA ASP B 216 9.83 3.50 -3.04
C ASP B 216 10.29 4.76 -2.31
N PRO B 217 9.42 5.77 -2.25
CA PRO B 217 9.80 7.04 -1.60
C PRO B 217 9.99 6.88 -0.10
N ILE B 218 10.84 7.73 0.45
CA ILE B 218 11.19 7.70 1.85
C ILE B 218 11.09 9.12 2.41
N ARG B 219 10.42 9.26 3.55
CA ARG B 219 10.18 10.57 4.15
C ARG B 219 11.33 10.91 5.10
N ILE B 220 11.96 12.05 4.88
CA ILE B 220 13.17 12.45 5.60
C ILE B 220 13.08 13.95 5.87
N GLY B 221 12.87 14.32 7.13
CA GLY B 221 12.60 15.69 7.50
C GLY B 221 11.45 16.33 6.74
N GLY B 222 10.29 15.68 6.69
CA GLY B 222 9.12 16.31 6.10
C GLY B 222 9.14 16.47 4.60
N LYS B 223 10.17 15.96 3.91
CA LYS B 223 10.17 15.84 2.46
C LYS B 223 10.23 14.37 2.08
N SER B 224 9.52 14.01 1.02
CA SER B 224 9.61 12.67 0.48
C SER B 224 10.66 12.62 -0.61
N TYR B 225 11.53 11.62 -0.57
CA TYR B 225 12.58 11.43 -1.59
C TYR B 225 12.33 10.14 -2.37
N ILE B 226 12.19 10.26 -3.69
CA ILE B 226 11.95 9.08 -4.51
C ILE B 226 13.15 8.13 -4.43
N GLY B 227 12.88 6.85 -4.73
CA GLY B 227 13.95 5.88 -4.79
C GLY B 227 14.74 5.96 -6.09
N ALA B 228 15.84 5.18 -6.14
CA ALA B 228 16.74 5.21 -7.28
C ALA B 228 16.02 4.78 -8.56
N GLY B 229 16.41 5.38 -9.66
CA GLY B 229 15.86 5.03 -10.95
C GLY B 229 16.93 5.21 -11.98
N GLY B 230 16.83 4.46 -13.07
CA GLY B 230 17.71 4.77 -14.21
C GLY B 230 17.41 6.12 -14.86
N GLY B 231 16.25 6.72 -14.54
CA GLY B 231 15.94 8.08 -14.97
C GLY B 231 16.86 9.08 -14.34
N GLN B 232 17.55 8.67 -13.28
CA GLN B 232 18.54 9.49 -12.63
C GLN B 232 19.87 9.55 -13.40
N ILE B 233 20.08 8.64 -14.36
CA ILE B 233 21.24 8.86 -15.24
C ILE B 233 21.04 10.19 -15.94
N PRO B 234 22.08 10.98 -16.11
CA PRO B 234 21.88 12.38 -16.52
C PRO B 234 21.58 12.53 -18.00
N LEU B 235 20.82 11.60 -18.56
CA LEU B 235 20.48 11.70 -19.97
C LEU B 235 19.65 12.93 -20.26
N PHE B 236 18.78 13.34 -19.33
CA PHE B 236 17.99 14.54 -19.55
C PHE B 236 18.87 15.77 -19.67
N VAL B 237 20.08 15.75 -19.09
CA VAL B 237 21.01 16.86 -19.29
C VAL B 237 21.47 16.93 -20.74
N VAL B 238 21.79 15.78 -21.37
CA VAL B 238 22.02 15.76 -22.82
C VAL B 238 20.83 16.38 -23.56
N ASP B 239 19.61 15.93 -23.23
CA ASP B 239 18.41 16.45 -23.88
C ASP B 239 18.34 17.96 -23.78
N VAL B 240 18.56 18.51 -22.58
CA VAL B 240 18.29 19.93 -22.39
C VAL B 240 19.27 20.75 -23.21
N LYS B 241 20.55 20.40 -23.16
CA LYS B 241 21.53 21.18 -23.90
C LYS B 241 21.35 21.01 -25.41
N LEU B 242 21.03 19.79 -25.88
CA LEU B 242 21.02 19.46 -27.30
C LEU B 242 19.74 19.93 -28.02
N TRP B 243 18.58 19.71 -27.45
CA TRP B 243 17.38 20.02 -28.23
C TRP B 243 16.25 20.64 -27.43
N LEU B 244 16.11 20.33 -26.15
CA LEU B 244 14.94 20.83 -25.44
C LEU B 244 15.12 22.30 -25.08
N GLY B 245 16.26 22.65 -24.48
CA GLY B 245 16.57 24.04 -24.12
C GLY B 245 15.49 24.71 -23.26
N ASN B 246 15.18 25.95 -23.63
CA ASN B 246 14.13 26.76 -23.02
C ASN B 246 12.96 26.95 -23.97
N HIS B 247 12.74 25.99 -24.85
CA HIS B 247 11.75 26.12 -25.90
C HIS B 247 10.36 25.61 -25.51
N SER B 248 10.23 24.77 -24.49
CA SER B 248 8.97 24.11 -24.13
C SER B 248 8.64 24.33 -22.65
N PRO B 249 8.33 25.59 -22.27
CA PRO B 249 8.42 25.95 -20.85
C PRO B 249 7.42 25.24 -19.94
N ASN B 250 6.20 24.98 -20.38
CA ASN B 250 5.28 24.37 -19.43
C ASN B 250 5.06 22.88 -19.71
N SER B 251 5.96 22.28 -20.47
CA SER B 251 5.89 20.87 -20.80
C SER B 251 6.09 20.02 -19.54
N GLU B 252 5.54 18.82 -19.56
CA GLU B 252 5.70 17.91 -18.44
C GLU B 252 7.14 17.46 -18.28
N TYR B 253 7.91 17.44 -19.38
CA TYR B 253 9.30 17.01 -19.30
C TYR B 253 10.17 18.03 -18.57
N VAL B 254 9.91 19.32 -18.76
CA VAL B 254 10.64 20.31 -17.95
C VAL B 254 10.30 20.14 -16.47
N SER B 255 9.06 19.73 -16.17
CA SER B 255 8.69 19.57 -14.77
C SER B 255 9.43 18.40 -14.13
N PHE B 256 9.56 17.28 -14.84
CA PHE B 256 10.43 16.19 -14.40
C PHE B 256 11.89 16.65 -14.24
N ILE B 257 12.40 17.43 -15.19
CA ILE B 257 13.79 17.86 -15.10
C ILE B 257 13.97 18.79 -13.90
N LYS B 258 13.03 19.73 -13.73
CA LYS B 258 13.00 20.58 -12.55
C LYS B 258 13.13 19.76 -11.26
N ASP B 259 12.40 18.65 -11.17
CA ASP B 259 12.45 17.79 -10.01
C ASP B 259 13.76 17.03 -9.89
N SER B 260 14.52 16.90 -10.96
CA SER B 260 15.73 16.08 -10.93
C SER B 260 17.00 16.87 -10.65
N VAL B 261 16.97 18.20 -10.88
CA VAL B 261 18.18 19.00 -10.85
C VAL B 261 18.97 18.73 -9.58
N PHE B 262 18.30 18.70 -8.43
CA PHE B 262 19.07 18.61 -7.20
C PHE B 262 19.26 17.18 -6.71
N TYR B 263 18.80 16.20 -7.51
CA TYR B 263 19.21 14.81 -7.31
C TYR B 263 20.56 14.54 -7.97
N LEU B 264 20.82 15.16 -9.14
CA LEU B 264 22.15 15.14 -9.76
C LEU B 264 23.28 15.44 -8.78
N PRO B 265 24.45 14.85 -8.97
CA PRO B 265 25.68 15.33 -8.33
C PRO B 265 25.90 16.81 -8.58
N PRO B 266 26.39 17.55 -7.58
CA PRO B 266 26.50 19.02 -7.72
C PRO B 266 27.18 19.48 -9.01
N GLU B 267 28.19 18.75 -9.47
CA GLU B 267 28.95 19.15 -10.66
C GLU B 267 28.10 19.28 -11.91
N LEU B 268 26.97 18.58 -12.00
CA LEU B 268 26.14 18.67 -13.20
C LEU B 268 25.06 19.73 -13.10
N ARG B 269 24.81 20.26 -11.92
CA ARG B 269 23.68 21.17 -11.73
C ARG B 269 23.81 22.48 -12.51
N PRO B 270 24.98 23.13 -12.52
CA PRO B 270 25.10 24.35 -13.33
C PRO B 270 24.91 24.14 -14.83
N ILE B 271 25.48 23.08 -15.42
CA ILE B 271 25.29 22.88 -16.85
C ILE B 271 23.81 22.63 -17.14
N CYS B 272 23.13 21.93 -16.22
CA CYS B 272 21.71 21.68 -16.42
C CYS B 272 20.88 22.94 -16.26
N VAL B 273 21.20 23.80 -15.30
CA VAL B 273 20.40 25.01 -15.09
C VAL B 273 20.65 26.03 -16.21
N ASP B 274 21.92 26.25 -16.58
CA ASP B 274 22.24 27.06 -17.77
C ASP B 274 21.42 26.65 -18.97
N SER B 275 21.42 25.35 -19.29
CA SER B 275 20.76 24.85 -20.50
C SER B 275 19.25 25.06 -20.44
N LEU B 276 18.66 24.90 -19.26
CA LEU B 276 17.23 25.14 -19.14
C LEU B 276 16.85 26.59 -19.45
N LEU B 277 17.81 27.51 -19.39
CA LEU B 277 17.54 28.94 -19.55
C LEU B 277 18.14 29.51 -20.83
N GLU B 278 18.54 28.68 -21.78
CA GLU B 278 19.13 29.11 -23.03
C GLU B 278 18.51 28.34 -24.19
N PRO B 279 18.63 28.86 -25.42
CA PRO B 279 18.26 28.05 -26.57
C PRO B 279 19.15 26.82 -26.66
N SER B 280 18.62 25.73 -27.20
CA SER B 280 19.39 24.51 -27.38
C SER B 280 20.43 24.65 -28.50
N VAL B 281 21.38 23.72 -28.51
CA VAL B 281 22.39 23.66 -29.55
C VAL B 281 21.77 23.50 -30.93
N ILE B 282 20.79 22.59 -31.07
CA ILE B 282 20.22 22.35 -32.39
C ILE B 282 19.44 23.57 -32.88
N ASN B 283 18.60 24.15 -32.02
CA ASN B 283 17.96 25.42 -32.33
C ASN B 283 18.97 26.50 -32.71
N GLN B 284 20.12 26.51 -32.04
CA GLN B 284 21.20 27.44 -32.41
C GLN B 284 21.73 27.12 -33.80
N LYS B 285 22.05 25.85 -34.05
CA LYS B 285 22.66 25.46 -35.32
C LYS B 285 21.66 25.45 -36.47
N PHE B 286 20.37 25.33 -36.20
CA PHE B 286 19.39 25.56 -37.26
C PHE B 286 19.47 26.99 -37.77
N ALA B 287 19.64 27.95 -36.86
CA ALA B 287 19.74 29.36 -37.26
C ALA B 287 21.00 29.60 -38.08
N GLU B 288 22.14 29.11 -37.61
CA GLU B 288 23.39 29.28 -38.35
C GLU B 288 23.35 28.57 -39.70
N PHE B 289 22.80 27.35 -39.75
CA PHE B 289 22.71 26.62 -41.01
C PHE B 289 21.98 27.43 -42.07
N GLY B 290 20.79 27.92 -41.76
CA GLY B 290 20.03 28.74 -42.68
C GLY B 290 20.55 30.16 -42.86
N SER B 291 21.83 30.40 -42.56
CA SER B 291 22.36 31.75 -42.80
C SER B 291 23.86 31.80 -43.08
N VAL B 292 24.53 30.70 -43.41
CA VAL B 292 25.95 30.70 -43.70
C VAL B 292 26.17 29.98 -45.03
N GLU B 293 27.44 29.91 -45.43
CA GLU B 293 27.82 29.22 -46.66
C GLU B 293 27.84 27.73 -46.40
N ILE B 294 26.81 27.04 -46.91
CA ILE B 294 26.65 25.60 -46.73
C ILE B 294 27.74 24.81 -47.47
N THR B 295 28.91 24.66 -46.85
CA THR B 295 29.99 23.85 -47.41
C THR B 295 29.77 22.37 -47.06
N ASP B 296 30.64 21.51 -47.59
CA ASP B 296 30.57 20.10 -47.23
C ASP B 296 30.71 19.88 -45.74
N GLN B 297 31.53 20.70 -45.06
CA GLN B 297 31.68 20.52 -43.63
C GLN B 297 30.40 20.90 -42.89
N VAL B 298 29.72 21.95 -43.36
CA VAL B 298 28.46 22.36 -42.74
C VAL B 298 27.44 21.22 -42.75
N ILE B 299 27.23 20.58 -43.92
CA ILE B 299 26.32 19.43 -43.97
C ILE B 299 26.83 18.32 -43.06
N LYS B 300 28.14 18.10 -43.06
CA LYS B 300 28.72 17.09 -42.19
C LYS B 300 28.46 17.43 -40.72
N GLY B 301 28.60 18.70 -40.34
CA GLY B 301 28.30 19.11 -38.98
C GLY B 301 26.84 18.87 -38.63
N MET B 302 25.93 19.37 -39.47
CA MET B 302 24.51 19.12 -39.26
C MET B 302 24.20 17.63 -39.22
N GLU B 303 24.94 16.82 -39.98
CA GLU B 303 24.70 15.37 -39.93
C GLU B 303 25.15 14.77 -38.61
N SER B 304 26.19 15.34 -37.97
CA SER B 304 26.67 14.75 -36.73
C SER B 304 25.72 15.01 -35.56
N LEU B 305 24.93 16.09 -35.63
CA LEU B 305 23.87 16.28 -34.64
C LEU B 305 22.76 15.26 -34.86
N LEU B 306 22.43 15.01 -36.13
CA LEU B 306 21.47 13.95 -36.46
C LEU B 306 21.93 12.61 -35.91
N SER B 307 23.23 12.33 -35.98
CA SER B 307 23.75 11.06 -35.46
C SER B 307 23.58 10.94 -33.95
N VAL B 308 23.76 12.04 -33.19
CA VAL B 308 23.56 11.95 -31.75
C VAL B 308 22.10 11.66 -31.44
N ILE B 309 21.20 12.42 -32.05
CA ILE B 309 19.78 12.21 -31.84
C ILE B 309 19.43 10.75 -32.07
N GLN B 310 19.90 10.19 -33.19
CA GLN B 310 19.55 8.82 -33.55
C GLN B 310 20.13 7.81 -32.58
N VAL B 311 21.22 8.17 -31.89
CA VAL B 311 21.67 7.28 -30.83
C VAL B 311 20.73 7.33 -29.63
N LEU B 312 20.15 8.49 -29.32
CA LEU B 312 19.15 8.54 -28.26
C LEU B 312 17.95 7.66 -28.60
N LEU B 313 17.54 7.62 -29.87
CA LEU B 313 16.40 6.79 -30.25
C LEU B 313 16.74 5.32 -30.10
N LYS B 314 17.97 4.94 -30.42
CA LYS B 314 18.40 3.55 -30.19
C LYS B 314 18.38 3.19 -28.71
N PHE B 315 18.40 4.17 -27.82
CA PHE B 315 18.14 3.91 -26.41
C PHE B 315 16.64 3.91 -26.10
N ARG B 316 15.91 4.93 -26.56
CA ARG B 316 14.54 5.13 -26.09
C ARG B 316 13.54 4.10 -26.64
N LYS B 317 13.79 3.53 -27.84
CA LYS B 317 12.83 2.59 -28.40
C LYS B 317 12.83 1.26 -27.66
N PRO B 318 13.97 0.56 -27.54
CA PRO B 318 13.92 -0.69 -26.76
C PRO B 318 13.51 -0.46 -25.33
N HIS B 319 13.90 0.70 -24.76
CA HIS B 319 13.56 1.03 -23.39
C HIS B 319 12.06 1.19 -23.23
N PHE B 320 11.41 1.88 -24.16
CA PHE B 320 9.95 1.94 -24.20
C PHE B 320 9.36 0.53 -24.23
N GLN B 321 9.86 -0.33 -25.13
CA GLN B 321 9.32 -1.67 -25.22
C GLN B 321 9.51 -2.44 -23.92
N LEU B 322 10.62 -2.19 -23.23
CA LEU B 322 10.87 -2.86 -21.96
C LEU B 322 9.92 -2.39 -20.88
N ALA B 323 9.71 -1.06 -20.76
CA ALA B 323 8.76 -0.56 -19.78
C ALA B 323 7.35 -1.06 -20.06
N GLN B 324 7.01 -1.21 -21.34
CA GLN B 324 5.69 -1.69 -21.71
C GLN B 324 5.46 -3.12 -21.25
N ARG B 325 6.41 -4.03 -21.53
CA ARG B 325 6.27 -5.41 -21.10
C ARG B 325 6.23 -5.56 -19.60
N THR B 326 6.80 -4.60 -18.86
CA THR B 326 6.91 -4.70 -17.41
C THR B 326 5.66 -4.21 -16.70
N LEU B 327 4.96 -3.25 -17.32
CA LEU B 327 3.80 -2.60 -16.75
C LEU B 327 2.50 -3.12 -17.34
N SER B 328 2.56 -4.19 -18.12
CA SER B 328 1.37 -4.82 -18.68
C SER B 328 0.72 -5.71 -17.63
N LYS B 329 -0.59 -5.91 -17.77
CA LYS B 329 -1.32 -6.64 -16.73
C LYS B 329 -0.75 -8.05 -16.52
N GLU B 330 -0.28 -8.68 -17.60
CA GLU B 330 0.41 -9.96 -17.46
C GLU B 330 1.53 -9.88 -16.42
N ASN B 331 2.39 -8.85 -16.50
CA ASN B 331 3.65 -8.86 -15.79
C ASN B 331 3.75 -7.92 -14.60
N ARG B 332 2.91 -6.89 -14.50
CA ARG B 332 3.06 -5.94 -13.41
C ARG B 332 2.54 -6.54 -12.09
N GLY B 333 3.10 -6.05 -11.00
CA GLY B 333 2.70 -6.43 -9.66
C GLY B 333 1.86 -5.32 -9.06
N ASN B 334 2.29 -4.78 -7.91
CA ASN B 334 1.58 -3.78 -7.15
C ASN B 334 1.64 -2.39 -7.74
N TYR B 335 2.36 -2.18 -8.84
CA TYR B 335 2.67 -0.84 -9.29
C TYR B 335 2.17 -0.60 -10.71
N THR B 336 1.71 0.63 -10.97
CA THR B 336 1.47 1.10 -12.33
C THR B 336 2.47 2.18 -12.76
N THR B 337 3.45 2.51 -11.92
CA THR B 337 4.36 3.61 -12.20
C THR B 337 5.79 3.19 -11.89
N GLY B 338 6.75 3.90 -12.51
CA GLY B 338 8.12 3.79 -12.08
C GLY B 338 8.37 4.50 -10.76
N SER B 339 9.58 4.29 -10.23
CA SER B 339 9.99 4.89 -8.97
C SER B 339 9.92 6.42 -9.00
N ALA B 340 9.97 7.04 -10.17
CA ALA B 340 9.82 8.49 -10.19
C ALA B 340 8.36 8.90 -10.26
N GLY B 341 7.45 7.93 -10.31
CA GLY B 341 6.03 8.21 -10.26
C GLY B 341 5.34 8.43 -11.58
N TYR B 342 5.90 7.95 -12.68
CA TYR B 342 5.31 8.16 -13.99
C TYR B 342 4.93 6.82 -14.59
N THR B 343 4.06 6.86 -15.62
CA THR B 343 3.75 5.69 -16.41
C THR B 343 4.56 5.72 -17.71
N ASN B 344 4.46 4.64 -18.48
CA ASN B 344 5.14 4.57 -19.77
C ASN B 344 4.67 5.68 -20.71
N SER B 345 3.49 6.24 -20.45
CA SER B 345 3.06 7.43 -21.17
C SER B 345 4.09 8.58 -21.06
N PHE B 346 4.90 8.60 -20.00
CA PHE B 346 5.97 9.58 -19.90
C PHE B 346 7.10 9.29 -20.89
N ASN B 347 7.55 8.04 -20.94
CA ASN B 347 8.59 7.66 -21.89
C ASN B 347 8.11 7.88 -23.31
N HIS B 348 6.83 7.61 -23.55
CA HIS B 348 6.28 7.83 -24.89
C HIS B 348 6.42 9.29 -25.29
N MET B 349 6.19 10.21 -24.36
CA MET B 349 6.30 11.63 -24.69
C MET B 349 7.75 12.04 -24.98
N VAL B 350 8.71 11.60 -24.16
CA VAL B 350 10.12 11.91 -24.44
C VAL B 350 10.53 11.35 -25.79
N LEU B 351 10.08 10.13 -26.09
CA LEU B 351 10.42 9.48 -27.36
C LEU B 351 9.84 10.25 -28.55
N GLU B 352 8.57 10.66 -28.46
CA GLU B 352 7.98 11.49 -29.51
C GLU B 352 8.76 12.78 -29.70
N PHE B 353 9.12 13.45 -28.60
CA PHE B 353 9.97 14.65 -28.67
C PHE B 353 11.23 14.37 -29.49
N THR B 354 11.89 13.25 -29.18
CA THR B 354 13.14 12.91 -29.83
C THR B 354 12.94 12.54 -31.30
N ILE B 355 11.81 11.91 -31.63
CA ILE B 355 11.50 11.60 -33.02
C ILE B 355 11.24 12.88 -33.80
N GLU B 356 10.44 13.79 -33.23
CA GLU B 356 10.24 15.09 -33.85
C GLU B 356 11.56 15.83 -34.08
N VAL B 357 12.55 15.66 -33.21
CA VAL B 357 13.80 16.38 -33.41
C VAL B 357 14.56 15.80 -34.60
N GLU B 358 14.50 14.48 -34.76
CA GLU B 358 15.15 13.85 -35.90
C GLU B 358 14.45 14.21 -37.20
N LYS B 359 13.11 14.26 -37.18
CA LYS B 359 12.38 14.75 -38.35
C LYS B 359 12.86 16.13 -38.77
N GLN B 360 12.96 17.05 -37.81
CA GLN B 360 13.31 18.43 -38.12
C GLN B 360 14.69 18.53 -38.76
N ILE B 361 15.68 17.80 -38.23
CA ILE B 361 17.01 17.84 -38.80
C ILE B 361 17.01 17.27 -40.21
N ARG B 362 16.35 16.12 -40.39
CA ARG B 362 16.24 15.52 -41.71
C ARG B 362 15.56 16.46 -42.71
N ALA B 363 14.59 17.26 -42.24
CA ALA B 363 13.99 18.28 -43.10
C ALA B 363 15.01 19.34 -43.51
N VAL B 364 15.81 19.84 -42.55
CA VAL B 364 16.79 20.87 -42.89
C VAL B 364 17.87 20.31 -43.80
N LEU B 365 18.16 19.01 -43.70
CA LEU B 365 19.18 18.38 -44.53
C LEU B 365 18.67 17.94 -45.90
N ALA B 366 17.34 17.85 -46.09
CA ALA B 366 16.76 17.18 -47.26
C ALA B 366 17.29 17.68 -48.61
N PRO B 367 17.32 19.01 -48.90
CA PRO B 367 17.80 19.43 -50.23
C PRO B 367 19.30 19.27 -50.41
N TYR B 368 19.91 18.31 -49.73
CA TYR B 368 21.36 18.16 -49.76
C TYR B 368 21.77 16.70 -49.67
#